data_3QLD
#
_entry.id   3QLD
#
_cell.length_a   54.698
_cell.length_b   82.054
_cell.length_c   77.947
_cell.angle_alpha   90.000
_cell.angle_beta   104.600
_cell.angle_gamma   90.000
#
_symmetry.space_group_name_H-M   'P 1 21 1'
#
loop_
_entity.id
_entity.type
_entity.pdbx_description
1 polymer 'Mandelate racemase/muconate lactonizing protein'
2 non-polymer 'SULFATE ION'
3 water water
#
_entity_poly.entity_id   1
_entity_poly.type   'polypeptide(L)'
_entity_poly.pdbx_seq_one_letter_code
;(MSE)SLQTCVLHRLSLPLKFP(MSE)RTAHGHIREKQAILVQLVDADGIEGWSECVALAEPTYTEECTDTAWV(MSE)L
VHHLVPRFARWLRAASQDQDVDPRTVCEALRDVRGNR(MSE)SVAAIE(MSE)AVWDWYAARTGQPLVGLLGGGRDRVEV
SATLG(MSE)SESLDVLIQSVDAAVEQGFRRVKLKIAPGRDRAAIKAVRLRYPDLAIAADANGSYRPEDAPVLRQLDAYD
LQFIEQPLPEDDWFDLAKLQASLRTPVCLDESVRSVRELKLTARLGAARVLNVKPGRLGGFGATLRALDVAGEAG(MSE)
AAWVGG(MSE)YETGVGRVHGLIAAALPL(MSE)RYATDLGPSDRYFEQDVLKEPIAFVEPGVIQVPQCAGVADWVDRDA
VRRFSTATWSVDLRTLEGHHHHHH
;
_entity_poly.pdbx_strand_id   A,B
#
loop_
_chem_comp.id
_chem_comp.type
_chem_comp.name
_chem_comp.formula
SO4 non-polymer 'SULFATE ION' 'O4 S -2'
#
# COMPACT_ATOMS: atom_id res chain seq x y z
N SER A 2 19.50 -23.15 -16.61
CA SER A 2 18.48 -22.34 -15.86
C SER A 2 18.84 -20.84 -15.81
N LEU A 3 17.91 -20.01 -15.33
CA LEU A 3 18.15 -18.58 -15.03
C LEU A 3 19.31 -18.48 -14.04
N GLN A 4 20.30 -17.70 -14.38
CA GLN A 4 21.52 -17.60 -13.56
C GLN A 4 21.82 -16.20 -13.00
N THR A 5 21.41 -15.15 -13.71
CA THR A 5 21.70 -13.80 -13.27
C THR A 5 20.46 -12.87 -13.40
N CYS A 6 20.33 -11.93 -12.45
CA CYS A 6 19.34 -10.84 -12.53
C CYS A 6 20.17 -9.57 -12.47
N VAL A 7 19.91 -8.66 -13.41
CA VAL A 7 20.53 -7.34 -13.36
C VAL A 7 19.40 -6.27 -13.29
N LEU A 8 19.49 -5.39 -12.32
CA LEU A 8 18.57 -4.27 -12.20
C LEU A 8 19.25 -3.05 -12.67
N HIS A 9 18.54 -2.31 -13.51
CA HIS A 9 19.08 -1.12 -14.04
C HIS A 9 18.20 0.04 -13.60
N ARG A 10 18.78 1.01 -12.94
CA ARG A 10 18.11 2.28 -12.63
C ARG A 10 18.43 3.34 -13.67
N LEU A 11 17.39 3.83 -14.34
CA LEU A 11 17.55 4.67 -15.48
C LEU A 11 17.03 6.07 -15.20
N SER A 12 17.64 7.05 -15.88
CA SER A 12 17.09 8.39 -15.90
C SER A 12 17.06 8.85 -17.36
N LEU A 13 15.86 9.01 -17.94
CA LEU A 13 15.73 9.36 -19.39
C LEU A 13 15.30 10.82 -19.59
N PRO A 14 16.08 11.61 -20.33
CA PRO A 14 15.57 12.96 -20.56
C PRO A 14 14.27 12.97 -21.38
N LEU A 15 13.34 13.84 -20.94
CA LEU A 15 12.06 14.03 -21.62
C LEU A 15 12.18 15.15 -22.66
N LYS A 16 11.45 15.06 -23.78
CA LYS A 16 11.43 16.14 -24.78
C LYS A 16 11.13 17.54 -24.17
N PHE A 17 10.19 17.60 -23.24
CA PHE A 17 9.94 18.83 -22.45
C PHE A 17 9.45 18.39 -21.08
N PRO A 18 9.45 19.31 -20.08
CA PRO A 18 8.98 18.92 -18.75
C PRO A 18 7.55 18.37 -18.72
N MSE A 19 7.39 17.21 -18.06
N MSE A 19 7.36 17.22 -18.08
CA MSE A 19 6.10 16.56 -17.82
CA MSE A 19 6.03 16.66 -17.95
C MSE A 19 5.49 17.12 -16.55
C MSE A 19 5.49 17.01 -16.57
O MSE A 19 6.21 17.55 -15.65
O MSE A 19 6.24 17.23 -15.63
CB MSE A 19 6.26 15.02 -17.69
CB MSE A 19 6.07 15.14 -18.19
CG MSE A 19 6.67 14.45 -16.30
CG MSE A 19 6.86 14.73 -19.45
SE MSE A 19 6.88 12.45 -16.18
SE MSE A 19 5.99 15.24 -21.13
CE MSE A 19 6.89 12.15 -14.26
CE MSE A 19 7.30 14.59 -22.41
N ARG A 20 4.16 17.12 -16.50
CA ARG A 20 3.41 17.60 -15.32
C ARG A 20 3.50 16.70 -14.04
N THR A 21 4.04 17.22 -12.95
CA THR A 21 4.14 16.35 -11.76
C THR A 21 2.80 16.23 -11.02
N ALA A 22 2.75 16.83 -9.83
CA ALA A 22 1.56 17.29 -9.18
C ALA A 22 2.14 18.57 -8.60
N HIS A 23 1.55 19.71 -8.96
CA HIS A 23 2.06 21.06 -8.52
C HIS A 23 3.43 21.49 -9.07
N GLY A 24 4.11 20.60 -9.84
CA GLY A 24 5.37 20.96 -10.51
C GLY A 24 5.52 20.47 -11.94
N HIS A 25 6.75 20.59 -12.43
CA HIS A 25 7.17 19.91 -13.65
C HIS A 25 8.52 19.22 -13.38
N ILE A 26 8.85 18.24 -14.21
CA ILE A 26 10.15 17.57 -14.10
C ILE A 26 10.71 17.20 -15.49
N ARG A 27 12.04 17.24 -15.55
CA ARG A 27 12.86 17.15 -16.75
C ARG A 27 13.10 15.74 -17.23
N GLU A 28 13.18 14.78 -16.30
CA GLU A 28 13.70 13.42 -16.61
C GLU A 28 12.81 12.34 -16.01
N LYS A 29 12.64 11.23 -16.75
CA LYS A 29 11.88 10.06 -16.30
C LYS A 29 12.78 9.02 -15.68
N GLN A 30 12.58 8.75 -14.39
CA GLN A 30 13.28 7.66 -13.74
C GLN A 30 12.53 6.37 -13.97
N ALA A 31 13.29 5.33 -14.20
CA ALA A 31 12.69 4.05 -14.49
C ALA A 31 13.58 2.95 -13.96
N ILE A 32 13.02 1.76 -13.68
CA ILE A 32 13.87 0.59 -13.27
C ILE A 32 13.61 -0.53 -14.29
N LEU A 33 14.65 -1.00 -14.97
CA LEU A 33 14.48 -2.24 -15.78
C LEU A 33 15.05 -3.46 -15.15
N VAL A 34 14.31 -4.57 -15.29
CA VAL A 34 14.72 -5.85 -14.75
C VAL A 34 15.21 -6.68 -15.93
N GLN A 35 16.40 -7.22 -15.77
CA GLN A 35 16.99 -8.10 -16.83
C GLN A 35 17.32 -9.42 -16.24
N LEU A 36 16.78 -10.49 -16.82
CA LEU A 36 17.09 -11.87 -16.37
C LEU A 36 17.86 -12.59 -17.49
N VAL A 37 18.82 -13.39 -17.10
CA VAL A 37 19.66 -14.14 -18.08
C VAL A 37 19.85 -15.54 -17.63
N ASP A 38 19.66 -16.45 -18.58
CA ASP A 38 19.83 -17.84 -18.24
C ASP A 38 21.19 -18.35 -18.74
N ALA A 39 21.49 -19.61 -18.42
CA ALA A 39 22.80 -20.20 -18.72
C ALA A 39 23.06 -20.23 -20.23
N ASP A 40 22.02 -20.23 -21.06
CA ASP A 40 22.25 -20.19 -22.49
C ASP A 40 22.31 -18.81 -23.14
N GLY A 41 22.23 -17.78 -22.28
CA GLY A 41 22.29 -16.36 -22.69
C GLY A 41 20.96 -15.81 -23.18
N ILE A 42 19.89 -16.57 -22.94
CA ILE A 42 18.52 -16.16 -23.27
C ILE A 42 18.02 -15.23 -22.12
N GLU A 43 17.38 -14.14 -22.53
CA GLU A 43 17.10 -12.99 -21.63
C GLU A 43 15.64 -12.64 -21.55
N GLY A 44 15.20 -12.21 -20.36
CA GLY A 44 13.94 -11.50 -20.28
C GLY A 44 14.12 -10.09 -19.67
N TRP A 45 13.36 -9.11 -20.15
CA TRP A 45 13.32 -7.74 -19.59
C TRP A 45 11.91 -7.33 -19.16
N SER A 46 11.83 -6.37 -18.23
CA SER A 46 10.54 -5.74 -17.86
C SER A 46 10.84 -4.41 -17.24
N GLU A 47 9.77 -3.64 -17.01
CA GLU A 47 9.98 -2.29 -16.44
C GLU A 47 9.19 -2.21 -15.17
N CYS A 48 9.82 -1.77 -14.08
CA CYS A 48 9.00 -1.43 -12.87
C CYS A 48 8.39 -0.01 -13.07
N VAL A 49 7.06 0.12 -13.08
CA VAL A 49 6.45 1.36 -13.48
C VAL A 49 6.27 2.36 -12.35
N ALA A 50 6.76 2.03 -11.17
CA ALA A 50 6.71 3.02 -10.05
C ALA A 50 7.26 4.39 -10.46
N LEU A 51 6.54 5.48 -10.19
CA LEU A 51 6.99 6.82 -10.50
C LEU A 51 7.99 7.39 -9.46
N ALA A 52 8.61 8.52 -9.77
CA ALA A 52 9.66 9.02 -8.86
C ALA A 52 9.05 9.42 -7.50
N GLU A 53 7.86 9.96 -7.51
CA GLU A 53 7.22 10.35 -6.20
C GLU A 53 5.99 9.47 -5.95
N PRO A 54 5.66 9.14 -4.66
CA PRO A 54 4.50 8.37 -4.29
C PRO A 54 3.22 9.17 -4.30
N THR A 55 2.95 9.79 -5.44
CA THR A 55 1.79 10.71 -5.58
C THR A 55 0.66 10.10 -6.42
N TYR A 56 0.95 9.05 -7.15
CA TYR A 56 -0.11 8.28 -7.80
C TYR A 56 -0.45 6.98 -7.08
N THR A 57 0.55 6.16 -6.74
CA THR A 57 0.36 5.14 -5.74
C THR A 57 1.47 5.23 -4.67
N GLU A 58 1.49 4.25 -3.78
CA GLU A 58 2.37 4.30 -2.58
C GLU A 58 3.81 3.90 -2.95
N GLU A 59 3.99 3.27 -4.12
CA GLU A 59 5.35 2.86 -4.59
C GLU A 59 6.06 4.01 -5.32
N CYS A 60 7.37 4.14 -5.14
CA CYS A 60 8.07 5.07 -5.95
C CYS A 60 9.40 4.40 -6.31
N THR A 61 10.19 5.08 -7.13
CA THR A 61 11.43 4.49 -7.67
C THR A 61 12.36 4.04 -6.56
N ASP A 62 12.48 4.90 -5.54
CA ASP A 62 13.41 4.65 -4.45
C ASP A 62 13.04 3.41 -3.66
N THR A 63 11.77 3.29 -3.36
CA THR A 63 11.32 2.20 -2.54
C THR A 63 11.24 0.89 -3.34
N ALA A 64 10.85 1.00 -4.61
CA ALA A 64 10.82 -0.20 -5.47
C ALA A 64 12.28 -0.77 -5.64
N TRP A 65 13.25 0.11 -5.75
CA TRP A 65 14.64 -0.35 -5.93
C TRP A 65 15.04 -1.20 -4.74
N VAL A 66 14.81 -0.70 -3.52
CA VAL A 66 15.23 -1.51 -2.35
C VAL A 66 14.38 -2.72 -2.11
N MSE A 67 13.09 -2.63 -2.43
CA MSE A 67 12.20 -3.76 -2.37
C MSE A 67 12.81 -4.86 -3.31
O MSE A 67 12.90 -6.03 -2.93
CB MSE A 67 10.78 -3.28 -2.77
CG MSE A 67 9.62 -4.32 -2.80
SE MSE A 67 9.37 -5.43 -1.21
CE MSE A 67 9.50 -4.00 0.01
N LEU A 68 13.20 -4.46 -4.51
CA LEU A 68 13.73 -5.49 -5.48
C LEU A 68 15.04 -6.11 -5.01
N VAL A 69 16.01 -5.26 -4.70
CA VAL A 69 17.32 -5.70 -4.25
C VAL A 69 17.29 -6.52 -2.99
N HIS A 70 16.60 -6.03 -1.94
CA HIS A 70 16.79 -6.62 -0.63
C HIS A 70 15.68 -7.60 -0.25
N HIS A 71 14.59 -7.69 -1.04
CA HIS A 71 13.48 -8.54 -0.67
C HIS A 71 12.93 -9.49 -1.74
N LEU A 72 12.58 -8.92 -2.88
CA LEU A 72 11.95 -9.70 -3.93
C LEU A 72 12.95 -10.57 -4.72
N VAL A 73 14.08 -10.00 -5.14
CA VAL A 73 15.08 -10.81 -5.89
C VAL A 73 15.61 -11.97 -5.05
N PRO A 74 15.89 -11.75 -3.74
CA PRO A 74 16.28 -12.91 -2.93
C PRO A 74 15.23 -13.98 -2.85
N ARG A 75 13.98 -13.57 -2.78
CA ARG A 75 12.88 -14.52 -2.67
C ARG A 75 12.74 -15.29 -3.95
N PHE A 76 12.96 -14.61 -5.07
CA PHE A 76 12.85 -15.21 -6.41
C PHE A 76 14.00 -16.22 -6.64
N ALA A 77 15.23 -15.89 -6.23
CA ALA A 77 16.37 -16.84 -6.25
C ALA A 77 16.08 -18.07 -5.44
N ARG A 78 15.48 -17.89 -4.26
CA ARG A 78 15.17 -19.04 -3.41
C ARG A 78 14.22 -19.97 -4.16
N TRP A 79 13.21 -19.39 -4.82
CA TRP A 79 12.20 -20.16 -5.54
C TRP A 79 12.79 -20.89 -6.76
N LEU A 80 13.78 -20.26 -7.43
CA LEU A 80 14.41 -20.82 -8.62
C LEU A 80 15.17 -22.08 -8.27
N ARG A 81 15.67 -22.15 -7.06
CA ARG A 81 16.41 -23.30 -6.60
C ARG A 81 15.51 -24.42 -6.05
N ALA A 82 14.18 -24.19 -6.03
CA ALA A 82 13.24 -25.23 -5.57
C ALA A 82 13.10 -26.32 -6.64
N ALA A 83 13.12 -27.57 -6.16
CA ALA A 83 12.96 -28.78 -6.97
C ALA A 83 11.86 -28.69 -8.08
N SER A 84 10.68 -28.20 -7.72
CA SER A 84 9.58 -27.95 -8.66
C SER A 84 9.90 -26.97 -9.84
N GLN A 85 10.94 -26.16 -9.71
CA GLN A 85 11.42 -25.38 -10.85
C GLN A 85 12.58 -26.13 -11.56
N ASP A 86 12.84 -27.37 -11.13
CA ASP A 86 13.88 -28.27 -11.65
C ASP A 86 14.03 -28.39 -13.17
N GLN A 87 12.93 -28.39 -13.90
CA GLN A 87 13.01 -28.66 -15.35
C GLN A 87 12.36 -27.58 -16.15
N ASP A 88 11.18 -27.17 -15.70
CA ASP A 88 10.55 -26.05 -16.35
C ASP A 88 10.26 -24.95 -15.32
N VAL A 89 10.48 -23.72 -15.76
CA VAL A 89 9.98 -22.56 -15.02
C VAL A 89 8.71 -22.10 -15.71
N ASP A 90 7.58 -22.25 -15.01
CA ASP A 90 6.26 -21.86 -15.50
C ASP A 90 5.99 -20.39 -15.05
N PRO A 91 5.93 -19.43 -15.99
CA PRO A 91 5.69 -18.02 -15.55
C PRO A 91 4.37 -17.88 -14.84
N ARG A 92 3.48 -18.84 -15.03
CA ARG A 92 2.14 -18.81 -14.41
C ARG A 92 2.18 -18.86 -12.89
N THR A 93 3.24 -19.42 -12.34
CA THR A 93 3.31 -19.70 -10.96
C THR A 93 4.34 -18.88 -10.20
N VAL A 94 5.03 -17.99 -10.90
CA VAL A 94 6.15 -17.28 -10.28
C VAL A 94 5.68 -16.43 -9.08
N CYS A 95 4.45 -15.90 -9.10
CA CYS A 95 3.98 -15.11 -7.94
C CYS A 95 3.93 -15.89 -6.61
N GLU A 96 4.01 -17.21 -6.69
CA GLU A 96 4.07 -17.99 -5.48
C GLU A 96 5.41 -17.80 -4.76
N ALA A 97 6.47 -17.43 -5.48
CA ALA A 97 7.75 -17.11 -4.78
C ALA A 97 7.55 -15.91 -3.84
N LEU A 98 6.56 -15.09 -4.17
CA LEU A 98 6.37 -13.78 -3.50
C LEU A 98 5.07 -13.74 -2.73
N ARG A 99 4.46 -14.91 -2.50
CA ARG A 99 3.09 -14.92 -1.96
C ARG A 99 3.02 -14.30 -0.54
N ASP A 100 4.12 -14.28 0.22
CA ASP A 100 4.12 -13.69 1.57
C ASP A 100 4.34 -12.20 1.62
N VAL A 101 4.63 -11.57 0.49
CA VAL A 101 4.77 -10.09 0.42
C VAL A 101 3.36 -9.43 0.34
N ARG A 102 3.12 -8.43 1.19
CA ARG A 102 1.94 -7.59 1.01
C ARG A 102 2.22 -6.44 0.10
N GLY A 103 1.20 -6.10 -0.70
CA GLY A 103 1.25 -4.96 -1.61
C GLY A 103 2.47 -5.05 -2.50
N ASN A 104 3.10 -3.90 -2.71
CA ASN A 104 4.34 -3.79 -3.56
C ASN A 104 4.10 -4.37 -4.94
N ARG A 105 2.90 -4.11 -5.47
CA ARG A 105 2.52 -4.81 -6.69
C ARG A 105 3.31 -4.41 -7.93
N MSE A 106 3.79 -3.15 -8.00
CA MSE A 106 4.61 -2.78 -9.15
C MSE A 106 5.99 -3.45 -9.16
O MSE A 106 6.53 -3.79 -10.24
CB MSE A 106 4.72 -1.25 -9.29
CG MSE A 106 3.37 -0.56 -9.57
SE MSE A 106 3.59 1.33 -9.25
CE MSE A 106 1.83 1.95 -9.75
N SER A 107 6.56 -3.63 -7.97
CA SER A 107 7.84 -4.38 -7.79
C SER A 107 7.62 -5.87 -8.07
N VAL A 108 6.54 -6.42 -7.55
CA VAL A 108 6.20 -7.81 -7.79
C VAL A 108 6.02 -8.03 -9.30
N ALA A 109 5.29 -7.13 -9.93
CA ALA A 109 4.98 -7.22 -11.35
C ALA A 109 6.27 -7.21 -12.19
N ALA A 110 7.28 -6.44 -11.76
CA ALA A 110 8.50 -6.41 -12.56
C ALA A 110 9.17 -7.82 -12.61
N ILE A 111 9.18 -8.50 -11.49
N ILE A 111 9.17 -8.56 -11.52
CA ILE A 111 9.66 -9.87 -11.47
CA ILE A 111 9.72 -9.89 -11.64
C ILE A 111 8.83 -10.75 -12.40
C ILE A 111 8.83 -10.87 -12.39
N GLU A 112 7.52 -10.79 -12.12
CA GLU A 112 6.61 -11.68 -12.86
C GLU A 112 6.67 -11.43 -14.39
N MSE A 113 6.69 -10.18 -14.80
CA MSE A 113 6.65 -9.84 -16.22
C MSE A 113 7.98 -10.16 -16.95
O MSE A 113 7.96 -10.58 -18.12
CB MSE A 113 6.24 -8.40 -16.45
CG MSE A 113 4.72 -8.21 -16.08
SE MSE A 113 4.19 -6.34 -15.85
CE MSE A 113 3.97 -5.63 -17.59
N ALA A 114 9.11 -10.01 -16.23
CA ALA A 114 10.43 -10.36 -16.82
C ALA A 114 10.45 -11.89 -17.00
N VAL A 115 9.84 -12.66 -16.08
CA VAL A 115 9.82 -14.11 -16.24
C VAL A 115 8.95 -14.56 -17.47
N TRP A 116 7.78 -13.96 -17.63
CA TRP A 116 6.96 -14.14 -18.83
C TRP A 116 7.75 -13.81 -20.11
N ASP A 117 8.54 -12.76 -20.03
CA ASP A 117 9.25 -12.23 -21.16
C ASP A 117 10.38 -13.21 -21.50
N TRP A 118 11.09 -13.66 -20.47
CA TRP A 118 12.18 -14.63 -20.64
C TRP A 118 11.59 -15.89 -21.24
N TYR A 119 10.43 -16.32 -20.73
CA TYR A 119 9.82 -17.57 -21.15
C TYR A 119 9.43 -17.56 -22.64
N ALA A 120 8.87 -16.45 -23.12
CA ALA A 120 8.60 -16.30 -24.54
C ALA A 120 9.88 -16.40 -25.38
N ALA A 121 10.98 -15.82 -24.91
CA ALA A 121 12.22 -15.82 -25.67
C ALA A 121 12.88 -17.20 -25.67
N ARG A 122 12.71 -17.93 -24.55
CA ARG A 122 13.26 -19.26 -24.38
C ARG A 122 12.55 -20.23 -25.30
N THR A 123 11.23 -20.04 -25.46
CA THR A 123 10.41 -20.96 -26.26
C THR A 123 10.20 -20.42 -27.67
N GLY A 124 10.69 -19.23 -27.97
CA GLY A 124 10.55 -18.58 -29.29
C GLY A 124 9.08 -18.39 -29.71
N GLN A 125 8.21 -18.14 -28.73
CA GLN A 125 6.79 -17.91 -29.02
C GLN A 125 6.43 -16.47 -28.76
N PRO A 126 5.63 -15.85 -29.65
CA PRO A 126 5.13 -14.51 -29.38
C PRO A 126 4.51 -14.42 -27.96
N LEU A 127 4.99 -13.46 -27.17
CA LEU A 127 4.44 -13.22 -25.82
C LEU A 127 2.95 -12.97 -25.85
N VAL A 128 2.47 -12.16 -26.80
CA VAL A 128 1.02 -11.92 -26.89
C VAL A 128 0.05 -13.17 -27.07
N GLY A 129 0.46 -14.11 -27.94
CA GLY A 129 -0.28 -15.37 -28.12
C GLY A 129 -0.18 -16.20 -26.85
N LEU A 130 0.93 -16.04 -26.15
CA LEU A 130 1.12 -16.80 -24.92
C LEU A 130 0.08 -16.41 -23.88
N LEU A 131 -0.26 -15.12 -23.85
CA LEU A 131 -1.29 -14.55 -22.95
C LEU A 131 -2.70 -14.52 -23.54
N GLY A 132 -2.91 -15.01 -24.76
CA GLY A 132 -4.27 -15.04 -25.34
C GLY A 132 -4.74 -13.70 -25.93
N GLY A 133 -3.78 -12.89 -26.37
CA GLY A 133 -4.13 -11.59 -26.93
C GLY A 133 -4.33 -11.74 -28.41
N GLY A 134 -5.54 -11.43 -28.86
CA GLY A 134 -5.96 -11.69 -30.23
C GLY A 134 -5.84 -10.48 -31.13
N ARG A 135 -6.30 -9.33 -30.68
CA ARG A 135 -6.27 -8.12 -31.51
C ARG A 135 -4.88 -7.91 -32.15
N ASP A 136 -4.84 -7.48 -33.41
CA ASP A 136 -3.56 -7.33 -34.08
C ASP A 136 -3.09 -5.90 -34.01
N ARG A 137 -4.05 -4.99 -33.84
CA ARG A 137 -3.80 -3.56 -33.69
C ARG A 137 -4.68 -2.98 -32.57
N VAL A 138 -4.26 -1.81 -32.06
CA VAL A 138 -5.00 -1.12 -31.00
C VAL A 138 -5.07 0.36 -31.32
N GLU A 139 -6.19 1.00 -30.97
CA GLU A 139 -6.30 2.42 -31.21
C GLU A 139 -5.77 3.18 -29.99
N VAL A 140 -5.38 4.44 -30.19
CA VAL A 140 -4.55 5.18 -29.22
C VAL A 140 -5.31 6.47 -28.90
N SER A 141 -5.39 6.87 -27.63
CA SER A 141 -6.00 8.14 -27.18
C SER A 141 -4.99 9.25 -26.92
N ALA A 142 -5.42 10.51 -26.94
CA ALA A 142 -4.61 11.62 -26.51
C ALA A 142 -5.17 12.35 -25.27
N THR A 143 -4.32 12.54 -24.26
CA THR A 143 -4.71 13.31 -23.06
C THR A 143 -4.39 14.78 -23.22
N LEU A 144 -5.39 15.62 -22.99
CA LEU A 144 -5.23 17.07 -23.12
C LEU A 144 -5.38 17.73 -21.76
N GLY A 145 -4.39 18.57 -21.40
CA GLY A 145 -4.36 19.25 -20.10
C GLY A 145 -5.47 20.28 -20.02
N MSE A 146 -5.81 20.78 -18.85
CA MSE A 146 -6.80 21.86 -18.86
C MSE A 146 -6.17 23.26 -18.96
O MSE A 146 -5.08 23.50 -18.42
CB MSE A 146 -7.77 21.78 -17.66
CG MSE A 146 -7.20 21.91 -16.29
SE MSE A 146 -8.55 21.37 -14.94
CE MSE A 146 -8.08 22.59 -13.47
N SER A 147 -6.85 24.16 -19.66
CA SER A 147 -6.45 25.60 -19.63
C SER A 147 -7.62 26.51 -19.33
N GLU A 148 -7.34 27.64 -18.69
CA GLU A 148 -8.38 28.62 -18.42
C GLU A 148 -8.78 29.34 -19.72
N SER A 149 -8.00 29.08 -20.77
CA SER A 149 -8.31 29.49 -22.15
C SER A 149 -8.98 28.37 -22.97
N LEU A 150 -10.25 28.55 -23.31
CA LEU A 150 -11.00 27.59 -24.12
C LEU A 150 -10.44 27.47 -25.55
N ASP A 151 -9.70 28.50 -25.98
CA ASP A 151 -9.03 28.54 -27.29
C ASP A 151 -7.85 27.55 -27.36
N VAL A 152 -6.92 27.66 -26.39
CA VAL A 152 -5.85 26.70 -26.23
C VAL A 152 -6.43 25.28 -26.33
N LEU A 153 -7.46 25.01 -25.53
CA LEU A 153 -8.08 23.68 -25.51
C LEU A 153 -8.46 23.14 -26.90
N ILE A 154 -9.31 23.89 -27.59
CA ILE A 154 -9.83 23.50 -28.91
C ILE A 154 -8.70 23.37 -29.95
N GLN A 155 -7.69 24.22 -29.79
CA GLN A 155 -6.51 24.10 -30.60
C GLN A 155 -5.80 22.78 -30.30
N SER A 156 -5.68 22.41 -29.01
CA SER A 156 -5.07 21.13 -28.66
C SER A 156 -5.87 19.97 -29.23
N VAL A 157 -7.19 20.01 -29.11
CA VAL A 157 -8.08 18.96 -29.69
C VAL A 157 -7.94 18.74 -31.20
N ASP A 158 -8.04 19.81 -31.94
CA ASP A 158 -7.78 19.80 -33.40
C ASP A 158 -6.45 19.15 -33.75
N ALA A 159 -5.39 19.53 -33.01
CA ALA A 159 -4.03 19.02 -33.22
C ALA A 159 -3.98 17.52 -32.98
N ALA A 160 -4.67 17.05 -31.92
CA ALA A 160 -4.73 15.62 -31.68
C ALA A 160 -5.48 14.92 -32.78
N VAL A 161 -6.58 15.53 -33.18
CA VAL A 161 -7.44 14.86 -34.17
C VAL A 161 -6.68 14.79 -35.54
N GLU A 162 -6.01 15.89 -35.88
CA GLU A 162 -5.30 16.00 -37.16
C GLU A 162 -4.30 14.87 -37.22
N GLN A 163 -3.90 14.36 -36.05
CA GLN A 163 -2.82 13.37 -35.98
C GLN A 163 -3.33 11.95 -35.98
N GLY A 164 -4.67 11.83 -35.93
CA GLY A 164 -5.36 10.54 -36.02
C GLY A 164 -5.77 9.83 -34.73
N PHE A 165 -5.52 10.47 -33.58
CA PHE A 165 -5.81 9.83 -32.27
C PHE A 165 -7.29 9.58 -32.23
N ARG A 166 -7.68 8.42 -31.73
CA ARG A 166 -9.05 7.94 -31.90
C ARG A 166 -9.90 8.24 -30.65
N ARG A 167 -9.28 8.89 -29.68
CA ARG A 167 -9.99 9.34 -28.45
C ARG A 167 -9.31 10.57 -27.98
N VAL A 168 -10.07 11.50 -27.41
CA VAL A 168 -9.39 12.47 -26.57
C VAL A 168 -9.85 12.33 -25.12
N LYS A 169 -8.92 12.51 -24.16
CA LYS A 169 -9.29 12.50 -22.70
C LYS A 169 -8.95 13.86 -22.14
N LEU A 170 -9.97 14.58 -21.74
CA LEU A 170 -9.83 15.89 -21.24
C LEU A 170 -9.67 15.92 -19.71
N LYS A 171 -8.67 16.67 -19.22
CA LYS A 171 -8.56 16.91 -17.78
C LYS A 171 -9.63 17.88 -17.37
N ILE A 172 -10.38 17.54 -16.31
CA ILE A 172 -11.42 18.37 -15.84
C ILE A 172 -11.37 18.56 -14.30
N ALA A 173 -11.95 19.67 -13.83
CA ALA A 173 -12.09 19.98 -12.42
C ALA A 173 -13.27 20.86 -12.24
N PRO A 174 -13.74 20.98 -10.98
CA PRO A 174 -14.93 21.79 -10.74
C PRO A 174 -14.72 23.22 -11.26
N GLY A 175 -15.63 23.72 -12.09
CA GLY A 175 -15.54 25.09 -12.60
C GLY A 175 -14.90 25.14 -13.96
N ARG A 176 -14.24 24.04 -14.35
CA ARG A 176 -13.58 23.93 -15.66
C ARG A 176 -13.87 22.52 -16.12
N ASP A 177 -15.12 22.29 -16.48
CA ASP A 177 -15.57 20.98 -16.92
C ASP A 177 -16.62 21.10 -18.04
N ARG A 178 -17.80 21.59 -17.69
CA ARG A 178 -18.96 21.64 -18.64
C ARG A 178 -18.59 22.43 -19.91
N ALA A 179 -17.93 23.57 -19.74
CA ALA A 179 -17.64 24.47 -20.88
C ALA A 179 -16.69 23.84 -21.95
N ALA A 180 -15.59 23.29 -21.44
CA ALA A 180 -14.67 22.56 -22.29
C ALA A 180 -15.36 21.39 -22.99
N ILE A 181 -16.02 20.50 -22.23
CA ILE A 181 -16.66 19.32 -22.81
C ILE A 181 -17.76 19.66 -23.83
N LYS A 182 -18.63 20.59 -23.48
CA LYS A 182 -19.70 21.11 -24.38
C LYS A 182 -19.10 21.53 -25.76
N ALA A 183 -18.04 22.35 -25.70
CA ALA A 183 -17.37 22.88 -26.90
C ALA A 183 -16.74 21.78 -27.72
N VAL A 184 -16.07 20.84 -27.05
CA VAL A 184 -15.47 19.79 -27.79
C VAL A 184 -16.50 18.87 -28.43
N ARG A 185 -17.54 18.50 -27.68
CA ARG A 185 -18.63 17.66 -28.18
C ARG A 185 -19.39 18.29 -29.40
N LEU A 186 -19.63 19.60 -29.36
CA LEU A 186 -20.32 20.27 -30.48
C LEU A 186 -19.45 20.21 -31.76
N ARG A 187 -18.19 20.56 -31.60
CA ARG A 187 -17.19 20.53 -32.69
C ARG A 187 -16.89 19.14 -33.24
N TYR A 188 -16.96 18.14 -32.36
CA TYR A 188 -16.63 16.76 -32.75
C TYR A 188 -17.73 15.78 -32.38
N PRO A 189 -18.83 15.78 -33.15
CA PRO A 189 -20.00 15.00 -32.77
C PRO A 189 -19.78 13.52 -32.65
N ASP A 190 -18.80 12.97 -33.34
CA ASP A 190 -18.62 11.52 -33.32
C ASP A 190 -17.34 11.02 -32.66
N LEU A 191 -16.56 11.95 -32.11
CA LEU A 191 -15.29 11.58 -31.49
C LEU A 191 -15.49 10.93 -30.12
N ALA A 192 -14.78 9.81 -29.85
CA ALA A 192 -14.80 9.27 -28.48
C ALA A 192 -14.12 10.34 -27.58
N ILE A 193 -14.85 10.89 -26.60
CA ILE A 193 -14.30 11.85 -25.62
C ILE A 193 -14.38 11.19 -24.22
N ALA A 194 -13.27 11.20 -23.47
CA ALA A 194 -13.33 10.79 -22.03
C ALA A 194 -12.88 11.95 -21.17
N ALA A 195 -13.09 11.83 -19.85
CA ALA A 195 -12.67 12.94 -18.99
C ALA A 195 -11.90 12.39 -17.78
N ASP A 196 -10.91 13.14 -17.31
CA ASP A 196 -10.15 12.66 -16.17
C ASP A 196 -10.17 13.73 -15.10
N ALA A 197 -10.80 13.41 -14.00
CA ALA A 197 -11.01 14.37 -12.94
C ALA A 197 -9.86 14.41 -11.93
N ASN A 198 -9.00 13.39 -11.91
CA ASN A 198 -7.89 13.25 -10.93
C ASN A 198 -8.36 13.55 -9.49
N GLY A 199 -9.51 13.04 -9.07
CA GLY A 199 -9.97 13.21 -7.68
C GLY A 199 -10.36 14.60 -7.19
N SER A 200 -10.72 15.47 -8.12
CA SER A 200 -10.90 16.84 -7.87
C SER A 200 -12.33 17.15 -7.41
N TYR A 201 -13.27 16.19 -7.57
CA TYR A 201 -14.66 16.38 -7.12
C TYR A 201 -14.91 15.79 -5.71
N ARG A 202 -15.99 16.26 -5.11
CA ARG A 202 -16.47 15.82 -3.81
C ARG A 202 -17.93 15.44 -3.94
N PRO A 203 -18.50 14.72 -2.96
CA PRO A 203 -19.90 14.35 -3.12
C PRO A 203 -20.90 15.49 -3.37
N GLU A 204 -20.64 16.69 -2.83
CA GLU A 204 -21.48 17.88 -3.05
C GLU A 204 -21.52 18.37 -4.53
N ASP A 205 -20.56 17.94 -5.31
CA ASP A 205 -20.38 18.29 -6.74
C ASP A 205 -21.16 17.37 -7.69
N ALA A 206 -21.86 16.38 -7.15
CA ALA A 206 -22.64 15.47 -7.96
C ALA A 206 -23.54 16.18 -9.01
N PRO A 207 -24.24 17.29 -8.65
CA PRO A 207 -25.08 17.92 -9.67
C PRO A 207 -24.30 18.37 -10.92
N VAL A 208 -23.08 18.88 -10.74
CA VAL A 208 -22.21 19.26 -11.87
C VAL A 208 -21.82 18.12 -12.74
N LEU A 209 -21.46 17.00 -12.11
CA LEU A 209 -21.04 15.84 -12.85
C LEU A 209 -22.23 15.25 -13.62
N ARG A 210 -23.40 15.33 -13.01
CA ARG A 210 -24.60 14.78 -13.67
C ARG A 210 -24.95 15.59 -14.95
N GLN A 211 -24.62 16.88 -14.94
CA GLN A 211 -24.85 17.77 -16.14
C GLN A 211 -24.03 17.26 -17.31
N LEU A 212 -22.93 16.57 -16.98
CA LEU A 212 -22.07 15.99 -17.98
C LEU A 212 -22.64 14.81 -18.74
N ASP A 213 -23.68 14.17 -18.24
CA ASP A 213 -24.28 13.04 -18.94
C ASP A 213 -24.80 13.46 -20.32
N ALA A 214 -25.05 14.75 -20.49
CA ALA A 214 -25.63 15.22 -21.78
C ALA A 214 -24.65 15.03 -22.96
N TYR A 215 -23.33 14.84 -22.67
CA TYR A 215 -22.30 14.81 -23.69
C TYR A 215 -21.77 13.49 -24.14
N ASP A 216 -22.33 12.42 -23.57
N ASP A 216 -22.36 12.37 -23.71
CA ASP A 216 -22.01 11.05 -23.93
CA ASP A 216 -21.88 11.03 -24.08
C ASP A 216 -20.51 10.70 -23.86
C ASP A 216 -20.35 10.95 -23.96
N LEU A 217 -19.86 11.06 -22.74
CA LEU A 217 -18.44 10.70 -22.46
C LEU A 217 -18.33 9.22 -22.40
N GLN A 218 -17.23 8.68 -22.85
CA GLN A 218 -16.95 7.28 -22.72
C GLN A 218 -16.83 6.87 -21.21
N PHE A 219 -16.29 7.78 -20.41
CA PHE A 219 -16.17 7.61 -18.92
C PHE A 219 -15.66 8.94 -18.32
N ILE A 220 -15.80 9.03 -16.97
CA ILE A 220 -15.21 10.10 -16.15
C ILE A 220 -14.28 9.31 -15.24
N GLU A 221 -12.95 9.60 -15.29
CA GLU A 221 -12.00 8.82 -14.51
C GLU A 221 -11.76 9.47 -13.13
N GLN A 222 -11.72 8.65 -12.08
CA GLN A 222 -11.33 9.10 -10.70
C GLN A 222 -11.99 10.39 -10.27
N PRO A 223 -13.36 10.43 -10.24
CA PRO A 223 -14.02 11.67 -9.94
C PRO A 223 -13.75 12.12 -8.47
N LEU A 224 -13.71 11.15 -7.55
CA LEU A 224 -13.65 11.45 -6.11
C LEU A 224 -12.26 11.05 -5.56
N PRO A 225 -11.92 11.58 -4.37
CA PRO A 225 -10.71 11.08 -3.73
C PRO A 225 -10.86 9.63 -3.39
N GLU A 226 -9.75 8.97 -3.06
CA GLU A 226 -9.80 7.59 -2.55
C GLU A 226 -10.29 7.62 -1.07
N ASP A 227 -11.38 8.37 -0.78
CA ASP A 227 -11.94 8.60 0.59
C ASP A 227 -13.05 7.70 1.12
N ASP A 228 -13.94 7.23 0.24
CA ASP A 228 -15.09 6.44 0.69
C ASP A 228 -15.86 5.79 -0.48
N TRP A 229 -15.92 4.48 -0.32
CA TRP A 229 -16.45 3.60 -1.29
C TRP A 229 -17.94 3.84 -1.49
N PHE A 230 -18.63 4.23 -0.40
CA PHE A 230 -20.05 4.44 -0.52
C PHE A 230 -20.40 5.73 -1.21
N ASP A 231 -19.55 6.76 -1.06
CA ASP A 231 -19.73 8.01 -1.82
C ASP A 231 -19.59 7.71 -3.30
N LEU A 232 -18.62 6.87 -3.65
CA LEU A 232 -18.43 6.48 -5.03
C LEU A 232 -19.66 5.69 -5.61
N ALA A 233 -20.13 4.72 -4.83
CA ALA A 233 -21.26 3.92 -5.21
C ALA A 233 -22.47 4.78 -5.46
N LYS A 234 -22.71 5.72 -4.55
CA LYS A 234 -23.83 6.65 -4.72
C LYS A 234 -23.64 7.56 -5.92
N LEU A 235 -22.41 8.01 -6.17
CA LEU A 235 -22.23 8.87 -7.33
C LEU A 235 -22.46 8.08 -8.62
N GLN A 236 -21.88 6.88 -8.74
CA GLN A 236 -22.06 6.09 -10.00
C GLN A 236 -23.52 5.76 -10.23
N ALA A 237 -24.25 5.48 -9.14
CA ALA A 237 -25.74 5.16 -9.24
C ALA A 237 -26.52 6.35 -9.81
N SER A 238 -26.00 7.57 -9.58
CA SER A 238 -26.66 8.81 -10.03
C SER A 238 -26.27 9.30 -11.44
N LEU A 239 -25.24 8.69 -11.99
CA LEU A 239 -24.65 9.07 -13.28
C LEU A 239 -24.95 8.05 -14.35
N ARG A 240 -25.42 8.56 -15.49
CA ARG A 240 -25.57 7.70 -16.67
C ARG A 240 -24.21 7.38 -17.31
N THR A 241 -23.30 8.33 -17.22
CA THR A 241 -21.90 8.14 -17.71
C THR A 241 -21.12 7.13 -16.84
N PRO A 242 -20.39 6.17 -17.45
CA PRO A 242 -19.61 5.25 -16.65
C PRO A 242 -18.51 6.00 -15.89
N VAL A 243 -18.29 5.56 -14.64
CA VAL A 243 -17.09 5.98 -13.91
C VAL A 243 -15.99 4.98 -14.25
N CYS A 244 -14.75 5.50 -14.41
CA CYS A 244 -13.57 4.68 -14.63
C CYS A 244 -12.64 4.82 -13.41
N LEU A 245 -12.12 3.71 -12.90
CA LEU A 245 -11.16 3.81 -11.83
C LEU A 245 -9.79 3.36 -12.37
N ASP A 246 -8.76 4.04 -11.87
CA ASP A 246 -7.36 3.69 -12.20
C ASP A 246 -6.78 3.30 -10.80
N GLU A 247 -6.29 4.28 -10.06
CA GLU A 247 -5.46 3.98 -8.84
C GLU A 247 -6.32 3.48 -7.68
N SER A 248 -7.62 3.74 -7.75
CA SER A 248 -8.55 3.18 -6.76
C SER A 248 -8.72 1.69 -6.81
N VAL A 249 -8.24 1.06 -7.89
CA VAL A 249 -8.29 -0.36 -8.01
C VAL A 249 -6.86 -0.95 -8.22
N ARG A 250 -6.30 -1.46 -7.14
CA ARG A 250 -4.92 -1.96 -7.12
C ARG A 250 -4.82 -3.48 -7.11
N SER A 251 -5.93 -4.18 -7.01
CA SER A 251 -5.94 -5.63 -6.87
C SER A 251 -7.23 -6.15 -7.43
N VAL A 252 -7.24 -7.45 -7.73
CA VAL A 252 -8.46 -8.17 -8.15
C VAL A 252 -9.55 -8.15 -7.06
N ARG A 253 -9.18 -8.24 -5.77
CA ARG A 253 -10.20 -8.12 -4.71
C ARG A 253 -10.86 -6.71 -4.63
N GLU A 254 -10.09 -5.66 -4.85
CA GLU A 254 -10.67 -4.31 -4.88
C GLU A 254 -11.64 -4.16 -6.07
N LEU A 255 -11.28 -4.80 -7.16
CA LEU A 255 -12.14 -4.83 -8.35
C LEU A 255 -13.41 -5.59 -8.02
N LYS A 256 -13.32 -6.72 -7.33
CA LYS A 256 -14.55 -7.42 -6.83
C LYS A 256 -15.48 -6.53 -6.00
N LEU A 257 -14.88 -5.73 -5.12
CA LEU A 257 -15.63 -4.84 -4.26
C LEU A 257 -16.26 -3.71 -5.13
N THR A 258 -15.46 -3.15 -6.03
CA THR A 258 -15.99 -2.13 -6.99
C THR A 258 -17.25 -2.58 -7.70
N ALA A 259 -17.16 -3.79 -8.25
CA ALA A 259 -18.26 -4.40 -8.98
C ALA A 259 -19.44 -4.67 -8.06
N ARG A 260 -19.18 -5.10 -6.82
CA ARG A 260 -20.23 -5.42 -5.87
C ARG A 260 -21.00 -4.16 -5.47
N LEU A 261 -20.26 -3.04 -5.36
CA LEU A 261 -20.82 -1.77 -4.95
C LEU A 261 -21.50 -1.03 -6.09
N GLY A 262 -21.21 -1.43 -7.34
CA GLY A 262 -21.67 -0.68 -8.53
C GLY A 262 -20.96 0.67 -8.51
N ALA A 263 -19.70 0.67 -8.08
CA ALA A 263 -19.01 1.93 -7.84
C ALA A 263 -18.38 2.45 -9.14
N ALA A 264 -18.21 1.55 -10.11
CA ALA A 264 -17.67 1.97 -11.42
C ALA A 264 -18.02 0.97 -12.50
N ARG A 265 -17.87 1.41 -13.73
CA ARG A 265 -18.21 0.56 -14.87
C ARG A 265 -17.07 0.36 -15.86
N VAL A 266 -15.94 1.06 -15.70
CA VAL A 266 -14.80 0.96 -16.59
C VAL A 266 -13.50 0.87 -15.78
N LEU A 267 -12.59 -0.01 -16.20
CA LEU A 267 -11.30 -0.20 -15.51
C LEU A 267 -10.18 0.26 -16.41
N ASN A 268 -9.36 1.18 -15.88
CA ASN A 268 -8.02 1.50 -16.43
C ASN A 268 -7.06 0.44 -15.94
N VAL A 269 -6.65 -0.41 -16.89
CA VAL A 269 -5.74 -1.52 -16.57
C VAL A 269 -4.29 -1.07 -16.78
N LYS A 270 -3.42 -1.26 -15.75
CA LYS A 270 -1.97 -1.09 -16.00
C LYS A 270 -1.38 -2.33 -15.34
N PRO A 271 -0.86 -3.27 -16.15
CA PRO A 271 -0.42 -4.56 -15.64
C PRO A 271 0.53 -4.41 -14.46
N GLY A 272 1.39 -3.39 -14.49
CA GLY A 272 2.35 -3.21 -13.38
C GLY A 272 1.61 -2.84 -12.10
N ARG A 273 0.62 -1.97 -12.20
CA ARG A 273 -0.11 -1.50 -10.98
C ARG A 273 -0.84 -2.72 -10.39
N LEU A 274 -1.28 -3.64 -11.25
CA LEU A 274 -2.08 -4.79 -10.77
C LEU A 274 -1.28 -5.96 -10.25
N GLY A 275 0.05 -5.96 -10.51
CA GLY A 275 0.86 -7.10 -10.10
C GLY A 275 1.34 -8.03 -11.23
N GLY A 276 1.14 -7.62 -12.48
CA GLY A 276 1.75 -8.37 -13.58
C GLY A 276 0.72 -8.91 -14.56
N PHE A 277 1.19 -9.82 -15.41
CA PHE A 277 0.33 -10.32 -16.50
C PHE A 277 -0.75 -11.24 -15.95
N GLY A 278 -0.40 -12.16 -15.05
CA GLY A 278 -1.35 -13.09 -14.43
C GLY A 278 -2.46 -12.36 -13.67
N ALA A 279 -2.07 -11.33 -12.90
CA ALA A 279 -3.06 -10.46 -12.25
C ALA A 279 -3.98 -9.70 -13.22
N THR A 280 -3.42 -9.22 -14.32
CA THR A 280 -4.16 -8.56 -15.34
C THR A 280 -5.22 -9.52 -15.96
N LEU A 281 -4.82 -10.75 -16.29
CA LEU A 281 -5.81 -11.74 -16.83
C LEU A 281 -6.94 -12.01 -15.81
N ARG A 282 -6.58 -12.19 -14.53
CA ARG A 282 -7.61 -12.33 -13.48
C ARG A 282 -8.54 -11.13 -13.32
N ALA A 283 -8.02 -9.91 -13.42
CA ALA A 283 -8.84 -8.70 -13.43
C ALA A 283 -9.79 -8.63 -14.63
N LEU A 284 -9.31 -9.03 -15.80
CA LEU A 284 -10.18 -8.98 -16.96
C LEU A 284 -11.35 -10.00 -16.85
N ASP A 285 -11.08 -11.15 -16.26
CA ASP A 285 -12.12 -12.17 -16.01
C ASP A 285 -13.21 -11.55 -15.18
N VAL A 286 -12.81 -10.98 -14.05
CA VAL A 286 -13.76 -10.38 -13.12
C VAL A 286 -14.49 -9.18 -13.73
N ALA A 287 -13.79 -8.33 -14.49
CA ALA A 287 -14.46 -7.17 -15.12
C ALA A 287 -15.51 -7.60 -16.18
N GLY A 288 -15.11 -8.58 -17.00
CA GLY A 288 -16.04 -9.15 -18.02
C GLY A 288 -17.29 -9.77 -17.36
N GLU A 289 -17.10 -10.58 -16.29
CA GLU A 289 -18.24 -11.21 -15.55
C GLU A 289 -19.21 -10.11 -15.02
N ALA A 290 -18.62 -8.99 -14.61
CA ALA A 290 -19.36 -7.86 -14.11
C ALA A 290 -19.94 -6.91 -15.14
N GLY A 291 -19.71 -7.11 -16.43
CA GLY A 291 -20.27 -6.15 -17.39
C GLY A 291 -19.46 -4.87 -17.61
N MSE A 292 -18.27 -4.80 -17.00
CA MSE A 292 -17.37 -3.67 -17.14
C MSE A 292 -16.53 -3.71 -18.47
O MSE A 292 -16.33 -4.79 -19.09
CB MSE A 292 -16.47 -3.67 -15.91
CG MSE A 292 -17.23 -3.63 -14.62
SE MSE A 292 -16.09 -3.52 -13.02
CE MSE A 292 -15.23 -1.82 -13.44
N ALA A 293 -16.10 -2.53 -18.92
CA ALA A 293 -15.22 -2.41 -20.07
C ALA A 293 -13.86 -2.04 -19.47
N ALA A 294 -12.78 -2.41 -20.17
CA ALA A 294 -11.43 -2.06 -19.71
C ALA A 294 -10.61 -1.55 -20.90
N TRP A 295 -9.53 -0.82 -20.59
CA TRP A 295 -8.62 -0.30 -21.58
C TRP A 295 -7.30 -0.17 -20.87
N VAL A 296 -6.21 -0.05 -21.61
CA VAL A 296 -4.88 0.06 -20.98
C VAL A 296 -4.36 1.49 -20.87
N GLY A 297 -3.97 1.90 -19.64
CA GLY A 297 -3.54 3.29 -19.41
C GLY A 297 -2.03 3.33 -19.45
N GLY A 298 -1.44 4.53 -19.30
N GLY A 298 -1.52 4.56 -19.39
CA GLY A 298 0.01 4.70 -19.35
CA GLY A 298 -0.13 4.88 -19.60
C GLY A 298 0.69 5.25 -18.10
C GLY A 298 0.15 6.35 -19.80
N MSE A 299 2.00 5.04 -18.00
N MSE A 299 1.43 6.70 -19.81
CA MSE A 299 2.80 5.52 -16.88
CA MSE A 299 1.86 8.04 -20.14
C MSE A 299 4.07 6.25 -17.40
C MSE A 299 3.39 7.98 -20.37
O MSE A 299 5.08 6.26 -16.71
O MSE A 299 3.81 8.03 -21.51
CB MSE A 299 3.27 4.34 -16.04
CB MSE A 299 1.41 9.07 -19.08
CG MSE A 299 2.16 3.42 -15.53
CG MSE A 299 0.65 10.33 -19.67
SE MSE A 299 1.46 4.17 -13.89
SE MSE A 299 -0.75 11.32 -18.60
CE MSE A 299 2.99 3.99 -12.68
CE MSE A 299 -2.33 10.22 -18.97
N TYR A 300 4.04 6.80 -18.61
N TYR A 300 4.22 7.78 -19.35
CA TYR A 300 5.21 7.47 -19.22
CA TYR A 300 5.69 7.73 -19.59
C TYR A 300 6.37 6.44 -19.37
C TYR A 300 6.49 6.41 -19.40
N GLU A 301 5.95 5.22 -19.69
CA GLU A 301 6.83 4.04 -19.70
C GLU A 301 8.00 4.22 -20.67
N THR A 302 9.19 3.70 -20.33
CA THR A 302 10.16 3.42 -21.40
C THR A 302 9.64 2.38 -22.39
N GLY A 303 10.45 2.14 -23.40
CA GLY A 303 10.03 1.20 -24.46
C GLY A 303 9.66 -0.17 -24.00
N VAL A 304 10.31 -0.63 -22.94
CA VAL A 304 10.06 -1.97 -22.38
C VAL A 304 8.65 -2.11 -21.80
N GLY A 305 8.35 -1.31 -20.80
CA GLY A 305 6.98 -1.14 -20.30
C GLY A 305 5.91 -0.81 -21.36
N ARG A 306 6.26 -0.01 -22.36
CA ARG A 306 5.27 0.37 -23.39
C ARG A 306 4.94 -0.86 -24.26
N VAL A 307 5.96 -1.59 -24.65
CA VAL A 307 5.79 -2.89 -25.37
C VAL A 307 4.92 -3.88 -24.63
N HIS A 308 5.22 -4.11 -23.35
CA HIS A 308 4.39 -4.99 -22.50
C HIS A 308 2.94 -4.54 -22.30
N GLY A 309 2.74 -3.21 -22.28
CA GLY A 309 1.46 -2.57 -22.06
C GLY A 309 0.65 -2.68 -23.37
N LEU A 310 1.29 -2.48 -24.52
CA LEU A 310 0.59 -2.81 -25.79
C LEU A 310 0.22 -4.30 -25.95
N ILE A 311 1.05 -5.23 -25.52
CA ILE A 311 0.67 -6.64 -25.50
C ILE A 311 -0.56 -6.91 -24.60
N ALA A 312 -0.60 -6.40 -23.37
CA ALA A 312 -1.85 -6.48 -22.59
C ALA A 312 -3.07 -5.82 -23.34
N ALA A 313 -2.85 -4.71 -24.01
CA ALA A 313 -3.96 -4.05 -24.72
C ALA A 313 -4.56 -4.85 -25.88
N ALA A 314 -3.89 -5.94 -26.25
CA ALA A 314 -4.36 -6.91 -27.24
C ALA A 314 -5.44 -7.88 -26.68
N LEU A 315 -5.62 -7.87 -25.36
CA LEU A 315 -6.50 -8.86 -24.76
C LEU A 315 -7.98 -8.58 -25.09
N PRO A 316 -8.83 -9.64 -25.10
CA PRO A 316 -10.15 -9.47 -25.70
C PRO A 316 -11.02 -8.37 -25.08
N LEU A 317 -11.04 -8.23 -23.75
CA LEU A 317 -11.93 -7.22 -23.13
C LEU A 317 -11.44 -5.78 -23.21
N MSE A 318 -10.22 -5.59 -23.72
CA MSE A 318 -9.66 -4.27 -23.87
C MSE A 318 -10.34 -3.53 -24.99
O MSE A 318 -9.71 -3.29 -26.02
CB MSE A 318 -8.16 -4.33 -24.12
CG MSE A 318 -7.46 -5.09 -23.04
SE MSE A 318 -7.59 -4.06 -21.33
CE MSE A 318 -5.89 -4.78 -20.64
N ARG A 319 -11.58 -3.11 -24.75
CA ARG A 319 -12.49 -2.60 -25.79
C ARG A 319 -12.32 -1.13 -26.17
N TYR A 320 -11.70 -0.34 -25.29
CA TYR A 320 -11.44 1.06 -25.62
C TYR A 320 -9.93 1.23 -25.91
N ALA A 321 -9.65 2.42 -26.44
CA ALA A 321 -8.35 2.87 -26.88
C ALA A 321 -7.41 2.91 -25.69
N THR A 322 -6.12 2.70 -26.01
CA THR A 322 -5.02 2.84 -25.05
C THR A 322 -4.48 4.25 -24.94
N ASP A 323 -4.00 4.63 -23.74
CA ASP A 323 -3.25 5.85 -23.60
C ASP A 323 -1.76 5.69 -24.06
N LEU A 324 -1.33 4.49 -24.42
CA LEU A 324 0.09 4.21 -24.70
C LEU A 324 0.31 4.62 -26.14
N GLY A 325 1.00 5.74 -26.35
CA GLY A 325 1.20 6.32 -27.65
C GLY A 325 2.63 6.13 -28.13
N PRO A 326 2.96 6.74 -29.25
CA PRO A 326 4.34 6.51 -29.79
C PRO A 326 5.44 7.05 -28.88
N SER A 327 6.59 6.33 -28.87
CA SER A 327 7.80 6.67 -28.09
C SER A 327 8.13 8.14 -28.18
N ASP A 328 8.03 8.66 -29.39
CA ASP A 328 8.59 9.94 -29.68
C ASP A 328 7.77 11.10 -29.10
N ARG A 329 6.55 10.84 -28.61
CA ARG A 329 5.76 11.92 -27.98
C ARG A 329 6.43 12.32 -26.66
N TYR A 330 7.27 11.41 -26.17
CA TYR A 330 7.78 11.50 -24.81
C TYR A 330 9.34 11.65 -24.76
N PHE A 331 10.07 10.90 -25.60
CA PHE A 331 11.56 10.85 -25.54
C PHE A 331 12.30 11.07 -26.86
N GLU A 332 13.30 11.96 -26.87
CA GLU A 332 14.27 12.07 -27.96
C GLU A 332 14.91 10.69 -28.25
N GLN A 333 15.27 9.97 -27.18
CA GLN A 333 15.95 8.70 -27.29
C GLN A 333 15.41 7.78 -26.18
N ASP A 334 14.86 6.64 -26.61
CA ASP A 334 14.25 5.61 -25.77
C ASP A 334 15.16 4.36 -25.72
N VAL A 335 14.76 3.31 -25.02
CA VAL A 335 15.63 2.15 -24.79
C VAL A 335 15.48 1.01 -25.82
N LEU A 336 14.78 1.30 -26.91
CA LEU A 336 14.61 0.34 -28.01
C LEU A 336 15.40 0.78 -29.23
N LYS A 337 15.91 -0.17 -29.99
CA LYS A 337 16.68 0.14 -31.23
C LYS A 337 15.78 0.91 -32.21
N GLU A 338 14.53 0.49 -32.25
CA GLU A 338 13.46 1.04 -33.09
C GLU A 338 12.26 1.54 -32.27
N PRO A 339 11.97 2.87 -32.31
CA PRO A 339 10.94 3.47 -31.45
C PRO A 339 9.57 2.82 -31.73
N ILE A 340 8.69 2.84 -30.73
CA ILE A 340 7.31 2.46 -30.93
C ILE A 340 6.58 3.58 -31.69
N ALA A 341 5.93 3.24 -32.80
CA ALA A 341 5.33 4.29 -33.67
C ALA A 341 3.96 3.85 -34.17
N PHE A 342 3.16 4.80 -34.66
CA PHE A 342 1.93 4.47 -35.33
C PHE A 342 2.19 3.54 -36.52
N VAL A 343 1.41 2.47 -36.67
CA VAL A 343 1.35 1.72 -37.94
C VAL A 343 0.44 2.43 -39.00
N GLU A 344 -0.57 3.13 -38.51
CA GLU A 344 -1.43 4.05 -39.27
C GLU A 344 -1.78 5.16 -38.29
N PRO A 345 -2.27 6.33 -38.77
CA PRO A 345 -2.52 7.36 -37.74
C PRO A 345 -3.47 6.88 -36.62
N GLY A 346 -3.09 7.14 -35.36
CA GLY A 346 -3.90 6.73 -34.22
C GLY A 346 -3.90 5.24 -33.89
N VAL A 347 -3.08 4.46 -34.58
CA VAL A 347 -3.10 3.02 -34.41
C VAL A 347 -1.70 2.45 -34.23
N ILE A 348 -1.56 1.43 -33.39
CA ILE A 348 -0.27 0.87 -33.17
C ILE A 348 -0.39 -0.64 -33.34
N GLN A 349 0.61 -1.21 -33.99
CA GLN A 349 0.62 -2.63 -34.19
C GLN A 349 0.97 -3.20 -32.85
N VAL A 350 0.22 -4.21 -32.45
CA VAL A 350 0.57 -5.05 -31.32
C VAL A 350 1.87 -5.81 -31.55
N PRO A 351 2.88 -5.64 -30.64
CA PRO A 351 4.15 -6.37 -30.66
C PRO A 351 4.01 -7.90 -30.74
N GLN A 352 4.68 -8.48 -31.71
CA GLN A 352 4.67 -9.92 -31.89
C GLN A 352 5.95 -10.58 -31.39
N CYS A 353 6.82 -9.82 -30.71
CA CYS A 353 8.06 -10.36 -30.20
C CYS A 353 7.87 -11.52 -29.25
N ALA A 354 8.70 -12.55 -29.42
CA ALA A 354 8.87 -13.60 -28.45
C ALA A 354 9.82 -12.97 -27.45
N GLY A 355 9.28 -12.09 -26.59
CA GLY A 355 10.15 -11.38 -25.66
C GLY A 355 10.71 -10.10 -26.24
N VAL A 356 10.90 -9.08 -25.40
CA VAL A 356 11.46 -7.83 -25.88
C VAL A 356 12.99 -7.74 -25.95
N ALA A 357 13.73 -8.73 -25.48
CA ALA A 357 15.21 -8.61 -25.38
C ALA A 357 15.89 -8.12 -26.65
N ASP A 358 15.47 -8.66 -27.81
CA ASP A 358 16.11 -8.38 -29.13
C ASP A 358 15.93 -6.96 -29.62
N TRP A 359 14.94 -6.29 -29.04
CA TRP A 359 14.55 -4.95 -29.34
C TRP A 359 15.24 -3.90 -28.47
N VAL A 360 15.88 -4.31 -27.39
CA VAL A 360 16.53 -3.41 -26.47
C VAL A 360 17.86 -2.84 -26.98
N ASP A 361 17.97 -1.52 -26.94
CA ASP A 361 19.23 -0.79 -27.26
C ASP A 361 20.09 -0.78 -26.00
N ARG A 362 21.05 -1.69 -25.99
CA ARG A 362 22.00 -1.83 -24.88
C ARG A 362 22.77 -0.57 -24.63
N ASP A 363 23.14 0.19 -25.68
CA ASP A 363 23.88 1.46 -25.50
C ASP A 363 23.03 2.53 -24.82
N ALA A 364 21.75 2.59 -25.18
CA ALA A 364 20.86 3.55 -24.55
C ALA A 364 20.67 3.15 -23.09
N VAL A 365 20.39 1.87 -22.84
CA VAL A 365 20.22 1.43 -21.45
C VAL A 365 21.44 1.84 -20.63
N ARG A 366 22.63 1.62 -21.20
CA ARG A 366 23.86 1.92 -20.50
C ARG A 366 24.07 3.41 -20.26
N ARG A 367 23.80 4.24 -21.27
CA ARG A 367 23.96 5.70 -21.10
C ARG A 367 23.03 6.28 -20.02
N PHE A 368 21.78 5.79 -19.99
CA PHE A 368 20.78 6.35 -19.11
C PHE A 368 20.87 5.79 -17.67
N SER A 369 21.76 4.81 -17.43
CA SER A 369 21.89 4.15 -16.12
C SER A 369 22.50 5.01 -15.00
N THR A 370 21.79 5.13 -13.88
CA THR A 370 22.36 5.90 -12.77
C THR A 370 22.78 4.95 -11.70
N ALA A 371 22.36 3.70 -11.83
CA ALA A 371 22.76 2.63 -10.91
C ALA A 371 22.53 1.28 -11.57
N THR A 372 23.34 0.31 -11.18
CA THR A 372 23.20 -1.02 -11.73
C THR A 372 23.60 -2.05 -10.66
N TRP A 373 22.75 -3.07 -10.48
CA TRP A 373 22.99 -4.11 -9.48
C TRP A 373 22.78 -5.49 -10.13
N SER A 374 23.75 -6.38 -9.97
CA SER A 374 23.70 -7.72 -10.57
C SER A 374 23.84 -8.75 -9.52
N VAL A 375 23.13 -9.84 -9.69
CA VAL A 375 23.26 -10.89 -8.71
C VAL A 375 23.29 -12.27 -9.35
N ASP A 376 24.22 -13.09 -8.87
CA ASP A 376 24.27 -14.51 -9.19
C ASP A 376 23.05 -15.11 -8.52
N LEU A 377 22.16 -15.68 -9.33
CA LEU A 377 20.91 -16.17 -8.78
C LEU A 377 21.09 -17.45 -7.99
N ARG A 378 22.14 -18.23 -8.31
CA ARG A 378 22.41 -19.52 -7.60
C ARG A 378 23.06 -19.38 -6.21
N THR A 379 23.95 -18.41 -6.07
CA THR A 379 24.61 -18.11 -4.80
C THR A 379 23.89 -17.02 -4.00
N LEU A 380 23.66 -15.87 -4.63
CA LEU A 380 23.10 -14.64 -4.01
C LEU A 380 24.15 -13.53 -3.70
N GLU A 381 25.31 -13.59 -4.37
CA GLU A 381 26.29 -12.49 -4.34
C GLU A 381 26.10 -11.57 -5.52
N GLY A 382 25.94 -10.31 -5.17
CA GLY A 382 25.70 -9.24 -6.12
C GLY A 382 26.74 -8.18 -5.92
N HIS A 383 26.75 -7.18 -6.80
CA HIS A 383 27.59 -6.03 -6.60
C HIS A 383 27.12 -4.84 -7.43
N HIS A 384 27.72 -3.70 -7.10
CA HIS A 384 27.34 -2.38 -7.57
C HIS A 384 28.34 -1.84 -8.59
N SER B 2 10.41 26.55 15.69
CA SER B 2 11.81 26.80 15.24
C SER B 2 12.45 25.40 15.17
N LEU B 3 11.73 24.41 14.63
CA LEU B 3 12.36 23.05 14.49
C LEU B 3 13.54 23.23 13.56
N GLN B 4 14.67 22.69 13.96
CA GLN B 4 15.89 22.84 13.21
C GLN B 4 16.50 21.60 12.56
N THR B 5 16.40 20.45 13.27
CA THR B 5 17.08 19.24 12.83
C THR B 5 16.13 18.07 12.91
N CYS B 6 16.18 17.21 11.88
CA CYS B 6 15.60 15.88 11.92
C CYS B 6 16.73 14.82 11.82
N VAL B 7 16.84 13.93 12.80
CA VAL B 7 17.83 12.84 12.83
C VAL B 7 17.09 11.50 12.78
N LEU B 8 17.42 10.67 11.78
CA LEU B 8 16.87 9.32 11.69
C LEU B 8 17.91 8.35 12.20
N HIS B 9 17.48 7.46 13.08
CA HIS B 9 18.37 6.43 13.67
C HIS B 9 17.81 5.09 13.26
N ARG B 10 18.61 4.28 12.56
CA ARG B 10 18.21 2.92 12.34
C ARG B 10 18.88 2.06 13.40
N LEU B 11 18.11 1.18 14.05
CA LEU B 11 18.56 0.36 15.19
C LEU B 11 18.24 -1.09 14.90
N SER B 12 19.01 -1.97 15.52
CA SER B 12 18.74 -3.43 15.55
C SER B 12 18.86 -3.79 17.02
N LEU B 13 17.75 -4.24 17.63
CA LEU B 13 17.77 -4.71 19.02
C LEU B 13 17.53 -6.20 19.00
N PRO B 14 18.38 -6.99 19.73
CA PRO B 14 18.16 -8.44 19.79
C PRO B 14 16.85 -8.76 20.48
N LEU B 15 16.03 -9.63 19.87
CA LEU B 15 14.71 -10.03 20.47
C LEU B 15 14.98 -11.06 21.55
N LYS B 16 14.36 -10.92 22.71
CA LYS B 16 14.50 -11.93 23.75
C LYS B 16 13.98 -13.30 23.26
N PHE B 17 12.95 -13.28 22.42
CA PHE B 17 12.29 -14.50 22.01
C PHE B 17 12.12 -14.48 20.52
N PRO B 18 13.16 -14.85 19.76
CA PRO B 18 13.10 -14.87 18.28
C PRO B 18 11.83 -15.56 17.81
N MSE B 19 11.25 -15.04 16.74
N MSE B 19 11.24 -15.00 16.76
CA MSE B 19 9.94 -15.42 16.33
CA MSE B 19 9.93 -15.39 16.28
C MSE B 19 10.10 -16.27 15.10
C MSE B 19 10.13 -16.30 15.11
O MSE B 19 10.99 -16.02 14.28
O MSE B 19 11.06 -16.12 14.32
CB MSE B 19 9.13 -14.14 16.06
CB MSE B 19 9.17 -14.13 15.87
CG MSE B 19 9.26 -13.02 17.16
CG MSE B 19 7.66 -14.19 16.09
SE MSE B 19 8.55 -11.24 16.51
SE MSE B 19 7.08 -12.51 16.91
CE MSE B 19 7.24 -11.95 15.20
CE MSE B 19 7.61 -12.90 18.75
N ARG B 20 9.24 -17.28 14.98
CA ARG B 20 9.28 -18.21 13.85
C ARG B 20 8.75 -17.50 12.59
N THR B 21 9.40 -17.70 11.47
CA THR B 21 8.81 -17.33 10.18
C THR B 21 8.77 -18.58 9.31
N ALA B 22 8.22 -18.40 8.11
CA ALA B 22 8.08 -19.47 7.14
C ALA B 22 9.41 -20.20 6.92
N HIS B 23 10.48 -19.46 6.67
CA HIS B 23 11.69 -20.18 6.30
C HIS B 23 12.84 -20.03 7.29
N GLY B 24 12.50 -19.81 8.56
CA GLY B 24 13.53 -19.48 9.54
C GLY B 24 13.00 -18.62 10.67
N HIS B 25 13.78 -17.61 11.04
CA HIS B 25 13.50 -16.90 12.28
C HIS B 25 13.86 -15.44 12.20
N ILE B 26 13.17 -14.65 13.00
CA ILE B 26 13.48 -13.24 13.17
C ILE B 26 14.18 -12.99 14.50
N ARG B 27 15.50 -12.72 14.50
CA ARG B 27 16.11 -12.51 15.82
C ARG B 27 16.38 -11.10 16.24
N GLU B 28 16.18 -10.11 15.37
CA GLU B 28 16.48 -8.72 15.76
C GLU B 28 15.26 -7.88 15.43
N LYS B 29 14.96 -6.87 16.22
CA LYS B 29 13.94 -5.86 15.86
C LYS B 29 14.71 -4.78 15.13
N GLN B 30 14.40 -4.55 13.86
CA GLN B 30 14.93 -3.35 13.16
C GLN B 30 13.89 -2.28 13.30
N ALA B 31 14.31 -1.10 13.75
CA ALA B 31 13.37 -0.04 13.98
C ALA B 31 14.06 1.25 13.50
N ILE B 32 13.27 2.24 13.17
CA ILE B 32 13.76 3.51 12.79
C ILE B 32 13.21 4.50 13.86
N LEU B 33 14.11 5.18 14.57
CA LEU B 33 13.65 6.25 15.48
C LEU B 33 13.87 7.61 14.86
N VAL B 34 12.88 8.44 14.98
CA VAL B 34 12.94 9.84 14.50
C VAL B 34 13.19 10.75 15.68
N GLN B 35 14.18 11.63 15.55
CA GLN B 35 14.52 12.60 16.59
C GLN B 35 14.45 13.97 15.97
N LEU B 36 13.55 14.82 16.50
CA LEU B 36 13.40 16.22 16.04
C LEU B 36 13.98 17.16 17.10
N VAL B 37 14.74 18.16 16.67
CA VAL B 37 15.41 19.05 17.67
C VAL B 37 15.09 20.46 17.27
N ASP B 38 14.70 21.32 18.22
CA ASP B 38 14.46 22.69 17.86
C ASP B 38 15.67 23.59 18.14
N ALA B 39 15.51 24.90 17.89
CA ALA B 39 16.66 25.84 18.02
C ALA B 39 17.21 25.94 19.44
N ASP B 40 16.38 25.65 20.45
CA ASP B 40 16.70 25.67 21.84
C ASP B 40 17.09 24.29 22.38
N GLY B 41 17.20 23.29 21.50
CA GLY B 41 17.64 21.99 21.98
C GLY B 41 16.53 21.06 22.48
N ILE B 42 15.29 21.52 22.44
CA ILE B 42 14.15 20.72 22.94
C ILE B 42 13.86 19.64 21.87
N GLU B 43 13.63 18.38 22.28
CA GLU B 43 13.50 17.23 21.32
C GLU B 43 12.17 16.52 21.37
N GLY B 44 11.80 15.88 20.26
CA GLY B 44 10.66 14.97 20.26
C GLY B 44 11.14 13.75 19.51
N TRP B 45 10.70 12.56 19.93
CA TRP B 45 11.17 11.34 19.30
C TRP B 45 9.95 10.55 18.92
N SER B 46 10.12 9.62 18.00
CA SER B 46 8.99 8.66 17.72
C SER B 46 9.62 7.41 17.08
N GLU B 47 8.81 6.37 16.87
CA GLU B 47 9.32 5.16 16.24
C GLU B 47 8.48 4.84 15.04
N CYS B 48 9.11 4.61 13.89
CA CYS B 48 8.39 4.05 12.74
C CYS B 48 8.17 2.57 13.00
N VAL B 49 6.94 2.12 12.95
CA VAL B 49 6.68 0.71 13.36
C VAL B 49 6.78 -0.31 12.19
N ALA B 50 7.16 0.12 10.99
CA ALA B 50 7.30 -0.87 9.91
C ALA B 50 8.21 -2.01 10.33
N LEU B 51 7.84 -3.22 9.90
CA LEU B 51 8.63 -4.39 10.30
C LEU B 51 9.76 -4.67 9.27
N ALA B 52 10.68 -5.60 9.58
CA ALA B 52 11.83 -5.76 8.66
C ALA B 52 11.43 -6.25 7.26
N GLU B 53 10.39 -7.10 7.19
CA GLU B 53 9.91 -7.69 5.92
C GLU B 53 8.48 -7.27 5.73
N PRO B 54 8.04 -7.08 4.47
CA PRO B 54 6.67 -6.60 4.22
C PRO B 54 5.65 -7.76 4.29
N THR B 55 5.61 -8.48 5.40
CA THR B 55 4.74 -9.66 5.55
C THR B 55 3.44 -9.37 6.21
N TYR B 56 3.43 -8.30 7.01
CA TYR B 56 2.21 -7.93 7.74
C TYR B 56 1.54 -6.72 7.09
N THR B 57 2.36 -5.75 6.65
CA THR B 57 1.84 -4.69 5.75
C THR B 57 2.89 -4.47 4.67
N GLU B 58 2.61 -3.59 3.73
CA GLU B 58 3.49 -3.41 2.58
C GLU B 58 4.76 -2.61 2.91
N GLU B 59 4.80 -1.86 4.03
CA GLU B 59 6.01 -1.07 4.37
C GLU B 59 6.99 -1.97 5.15
N CYS B 60 8.29 -1.73 5.00
CA CYS B 60 9.28 -2.50 5.77
C CYS B 60 10.40 -1.47 6.07
N THR B 61 11.37 -1.84 6.93
CA THR B 61 12.34 -0.85 7.43
C THR B 61 13.10 -0.30 6.23
N ASP B 62 13.45 -1.12 5.27
CA ASP B 62 14.29 -0.61 4.22
C ASP B 62 13.56 0.44 3.43
N THR B 63 12.28 0.19 3.12
CA THR B 63 11.59 1.11 2.21
C THR B 63 11.16 2.36 3.01
N ALA B 64 10.76 2.17 4.25
CA ALA B 64 10.54 3.29 5.15
C ALA B 64 11.71 4.28 5.25
N TRP B 65 12.91 3.74 5.44
CA TRP B 65 14.14 4.57 5.45
C TRP B 65 14.22 5.47 4.23
N VAL B 66 14.18 4.92 2.99
CA VAL B 66 14.32 5.85 1.86
C VAL B 66 13.11 6.72 1.64
N MSE B 67 11.93 6.26 2.02
CA MSE B 67 10.75 7.08 1.95
C MSE B 67 10.95 8.33 2.90
O MSE B 67 10.66 9.46 2.53
CB MSE B 67 9.53 6.21 2.30
CG MSE B 67 8.29 7.02 2.67
SE MSE B 67 7.52 7.91 1.01
CE MSE B 67 7.87 6.53 -0.34
N LEU B 68 11.44 8.12 4.10
CA LEU B 68 11.67 9.29 4.98
C LEU B 68 12.77 10.20 4.44
N VAL B 69 13.90 9.61 4.11
CA VAL B 69 15.09 10.38 3.71
C VAL B 69 14.79 11.22 2.47
N HIS B 70 14.24 10.59 1.44
CA HIS B 70 14.17 11.22 0.11
C HIS B 70 12.87 11.82 -0.28
N HIS B 71 11.84 11.59 0.55
CA HIS B 71 10.51 12.07 0.23
C HIS B 71 9.81 12.79 1.36
N LEU B 72 9.65 12.13 2.52
CA LEU B 72 8.82 12.77 3.53
C LEU B 72 9.56 13.86 4.30
N VAL B 73 10.79 13.59 4.74
CA VAL B 73 11.52 14.69 5.42
C VAL B 73 11.66 15.99 4.59
N PRO B 74 12.01 15.92 3.28
CA PRO B 74 12.09 17.14 2.42
C PRO B 74 10.76 17.82 2.34
N ARG B 75 9.70 17.04 2.16
CA ARG B 75 8.38 17.66 2.20
C ARG B 75 8.02 18.39 3.49
N PHE B 76 8.26 17.74 4.62
CA PHE B 76 8.11 18.30 5.95
C PHE B 76 8.95 19.59 6.13
N ALA B 77 10.18 19.55 5.69
CA ALA B 77 11.05 20.80 5.75
C ALA B 77 10.44 21.96 4.95
N ARG B 78 10.00 21.68 3.73
CA ARG B 78 9.34 22.69 2.89
C ARG B 78 8.12 23.30 3.57
N TRP B 79 7.26 22.46 4.12
CA TRP B 79 6.09 22.91 4.86
C TRP B 79 6.45 23.75 6.11
N LEU B 80 7.54 23.40 6.82
CA LEU B 80 7.98 24.16 7.96
C LEU B 80 8.41 25.56 7.55
N ARG B 81 9.02 25.67 6.38
CA ARG B 81 9.50 26.96 5.94
C ARG B 81 8.40 27.87 5.41
N ALA B 82 7.15 27.64 5.78
CA ALA B 82 6.09 28.59 5.44
C ALA B 82 5.18 29.08 6.60
N ALA B 83 5.74 29.29 7.81
CA ALA B 83 5.20 30.25 8.86
C ALA B 83 5.41 29.91 10.35
N ASP B 88 4.91 29.32 14.99
CA ASP B 88 5.00 28.11 15.83
C ASP B 88 4.31 27.00 15.06
N VAL B 89 4.60 25.74 15.41
CA VAL B 89 4.03 24.63 14.64
C VAL B 89 2.95 23.89 15.42
N ASP B 90 1.86 23.64 14.74
CA ASP B 90 0.68 22.91 15.24
C ASP B 90 0.82 21.43 14.89
N PRO B 91 0.95 20.58 15.90
CA PRO B 91 1.05 19.17 15.55
C PRO B 91 -0.23 18.63 14.85
N ARG B 92 -1.39 19.25 15.07
CA ARG B 92 -2.60 18.75 14.36
C ARG B 92 -2.62 19.00 12.84
N THR B 93 -1.68 19.78 12.34
CA THR B 93 -1.72 20.13 10.93
C THR B 93 -0.58 19.54 10.15
N VAL B 94 0.23 18.69 10.84
CA VAL B 94 1.52 18.24 10.22
C VAL B 94 1.27 17.45 8.96
N CYS B 95 0.26 16.59 8.98
CA CYS B 95 -0.03 15.80 7.80
C CYS B 95 -0.40 16.57 6.55
N GLU B 96 -0.68 17.89 6.68
CA GLU B 96 -0.85 18.76 5.53
C GLU B 96 0.43 18.81 4.75
N ALA B 97 1.60 18.65 5.38
CA ALA B 97 2.86 18.71 4.62
C ALA B 97 2.92 17.54 3.63
N LEU B 98 2.19 16.47 3.99
CA LEU B 98 2.32 15.16 3.37
C LEU B 98 1.07 14.75 2.60
N ARG B 99 0.25 15.77 2.32
CA ARG B 99 -0.97 15.77 1.55
C ARG B 99 -1.00 14.83 0.34
N ASP B 100 -0.02 14.99 -0.50
CA ASP B 100 0.00 14.38 -1.78
C ASP B 100 0.53 12.92 -1.76
N VAL B 101 1.01 12.45 -0.59
CA VAL B 101 1.64 11.12 -0.50
C VAL B 101 0.60 10.04 -0.35
N ARG B 102 0.62 9.07 -1.25
CA ARG B 102 -0.29 7.94 -1.07
C ARG B 102 0.32 6.88 -0.14
N GLY B 103 -0.52 6.23 0.66
CA GLY B 103 -0.11 5.16 1.61
C GLY B 103 1.11 5.66 2.42
N ASN B 104 2.07 4.77 2.62
CA ASN B 104 3.24 5.04 3.43
C ASN B 104 2.81 5.55 4.78
N ARG B 105 1.73 4.99 5.34
CA ARG B 105 1.24 5.65 6.59
C ARG B 105 2.13 5.47 7.79
N MSE B 106 2.87 4.35 7.87
CA MSE B 106 3.81 4.19 9.02
C MSE B 106 5.00 5.21 9.01
O MSE B 106 5.43 5.62 10.11
CB MSE B 106 4.33 2.71 9.18
CG MSE B 106 3.18 1.78 9.54
SE MSE B 106 3.84 -0.06 9.18
CE MSE B 106 2.16 -0.83 9.68
N SER B 107 5.49 5.58 7.78
CA SER B 107 6.58 6.58 7.59
C SER B 107 5.99 7.98 7.94
N VAL B 108 4.78 8.22 7.45
CA VAL B 108 4.08 9.46 7.78
C VAL B 108 3.83 9.57 9.27
N ALA B 109 3.39 8.47 9.90
CA ALA B 109 3.15 8.47 11.35
C ALA B 109 4.41 8.82 12.14
N ALA B 110 5.58 8.37 11.68
CA ALA B 110 6.80 8.59 12.40
C ALA B 110 7.06 10.10 12.51
N ILE B 111 6.83 10.81 11.41
CA ILE B 111 7.03 12.28 11.46
C ILE B 111 5.97 12.95 12.33
N GLU B 112 4.69 12.63 12.07
CA GLU B 112 3.59 13.29 12.75
C GLU B 112 3.70 13.02 14.29
N MSE B 113 4.05 11.80 14.68
CA MSE B 113 4.08 11.54 16.16
C MSE B 113 5.29 12.16 16.83
O MSE B 113 5.23 12.51 18.04
CB MSE B 113 4.12 9.99 16.42
CG MSE B 113 2.76 9.37 15.83
SE MSE B 113 2.67 7.46 15.80
CE MSE B 113 2.66 7.05 17.67
N ALA B 114 6.40 12.24 16.11
CA ALA B 114 7.55 13.00 16.67
C ALA B 114 7.25 14.47 16.88
N VAL B 115 6.43 15.04 16.00
CA VAL B 115 6.06 16.45 16.16
C VAL B 115 5.16 16.56 17.41
N TRP B 116 4.18 15.68 17.60
CA TRP B 116 3.40 15.80 18.84
C TRP B 116 4.31 15.64 20.05
N ASP B 117 5.19 14.65 20.00
CA ASP B 117 6.09 14.37 21.16
C ASP B 117 6.95 15.61 21.49
N TRP B 118 7.53 16.19 20.45
CA TRP B 118 8.25 17.48 20.61
C TRP B 118 7.35 18.58 21.21
N TYR B 119 6.14 18.67 20.73
CA TYR B 119 5.31 19.81 21.18
C TYR B 119 4.96 19.63 22.67
N ALA B 120 4.75 18.36 23.10
CA ALA B 120 4.57 18.07 24.54
C ALA B 120 5.81 18.51 25.36
N ALA B 121 6.99 18.17 24.85
CA ALA B 121 8.24 18.53 25.49
C ALA B 121 8.38 20.04 25.56
N ARG B 122 8.06 20.71 24.45
CA ARG B 122 8.24 22.15 24.31
C ARG B 122 7.33 22.90 25.30
N THR B 123 6.12 22.40 25.44
CA THR B 123 5.11 23.09 26.28
C THR B 123 5.13 22.57 27.74
N GLY B 124 5.91 21.50 27.96
CA GLY B 124 5.94 20.81 29.24
C GLY B 124 4.60 20.22 29.70
N GLN B 125 3.75 19.78 28.78
CA GLN B 125 2.41 19.25 29.15
C GLN B 125 2.44 17.73 28.88
N PRO B 126 1.84 16.90 29.74
CA PRO B 126 1.79 15.47 29.36
C PRO B 126 1.15 15.25 28.00
N LEU B 127 1.87 14.48 27.19
CA LEU B 127 1.40 14.18 25.88
C LEU B 127 -0.01 13.56 25.95
N VAL B 128 -0.20 12.57 26.82
CA VAL B 128 -1.53 11.96 26.96
C VAL B 128 -2.67 12.98 27.19
N GLY B 129 -2.38 14.01 28.01
CA GLY B 129 -3.34 15.07 28.30
C GLY B 129 -3.66 15.92 27.07
N LEU B 130 -2.65 16.30 26.30
CA LEU B 130 -2.89 17.03 25.00
C LEU B 130 -3.76 16.28 24.01
N LEU B 131 -3.65 14.95 24.01
CA LEU B 131 -4.42 14.11 23.08
C LEU B 131 -5.84 13.82 23.61
N GLY B 132 -6.11 14.11 24.88
CA GLY B 132 -7.42 13.81 25.47
C GLY B 132 -7.59 12.43 26.12
N GLY B 133 -6.50 11.85 26.61
CA GLY B 133 -6.53 10.52 27.22
C GLY B 133 -6.82 10.63 28.69
N GLY B 134 -7.98 10.12 29.06
CA GLY B 134 -8.40 10.19 30.43
C GLY B 134 -7.90 9.07 31.31
N ARG B 135 -7.79 7.85 30.75
CA ARG B 135 -7.41 6.64 31.53
C ARG B 135 -6.02 6.75 32.17
N ASP B 136 -5.87 6.32 33.43
CA ASP B 136 -4.58 6.46 34.12
C ASP B 136 -3.70 5.21 34.02
N ARG B 137 -4.36 4.07 33.79
CA ARG B 137 -3.73 2.76 33.68
C ARG B 137 -4.48 1.93 32.61
N VAL B 138 -3.78 0.94 32.05
CA VAL B 138 -4.38 0.14 30.94
C VAL B 138 -4.17 -1.34 31.28
N GLU B 139 -5.16 -2.17 30.93
CA GLU B 139 -5.02 -3.58 31.16
C GLU B 139 -4.30 -4.22 29.96
N VAL B 140 -3.60 -5.31 30.21
CA VAL B 140 -2.76 -5.89 29.14
C VAL B 140 -3.27 -7.37 28.91
N SER B 141 -3.41 -7.78 27.64
CA SER B 141 -3.72 -9.13 27.20
C SER B 141 -2.48 -9.95 26.82
N ALA B 142 -2.59 -11.26 27.01
CA ALA B 142 -1.60 -12.21 26.51
C ALA B 142 -2.16 -13.02 25.37
N THR B 143 -1.38 -13.21 24.30
CA THR B 143 -1.80 -14.03 23.14
C THR B 143 -1.27 -15.46 23.23
N LEU B 144 -2.15 -16.47 23.02
CA LEU B 144 -1.80 -17.90 23.14
C LEU B 144 -2.00 -18.62 21.82
N GLY B 145 -0.93 -19.25 21.37
CA GLY B 145 -0.99 -19.98 20.10
C GLY B 145 -1.84 -21.22 20.24
N MSE B 146 -2.18 -21.81 19.12
CA MSE B 146 -2.93 -23.04 19.13
C MSE B 146 -2.05 -24.19 19.54
O MSE B 146 -0.80 -24.15 19.44
CB MSE B 146 -3.54 -23.32 17.75
CG MSE B 146 -4.68 -22.39 17.44
SE MSE B 146 -5.45 -22.84 15.68
CE MSE B 146 -3.99 -22.17 14.56
N SER B 147 -2.70 -25.19 20.08
CA SER B 147 -1.99 -26.37 20.35
C SER B 147 -2.86 -27.55 19.99
N GLU B 148 -2.26 -28.54 19.38
CA GLU B 148 -2.99 -29.82 19.22
C GLU B 148 -3.44 -30.46 20.55
N SER B 149 -2.62 -30.29 21.58
CA SER B 149 -2.98 -30.77 22.91
C SER B 149 -3.79 -29.75 23.72
N LEU B 150 -4.96 -30.13 24.22
CA LEU B 150 -5.77 -29.28 25.09
C LEU B 150 -5.04 -29.05 26.43
N ASP B 151 -4.40 -30.09 26.99
CA ASP B 151 -3.63 -29.88 28.22
C ASP B 151 -2.53 -28.84 28.06
N VAL B 152 -1.85 -28.85 26.92
CA VAL B 152 -0.80 -27.81 26.66
C VAL B 152 -1.42 -26.39 26.54
N LEU B 153 -2.49 -26.27 25.77
CA LEU B 153 -3.22 -25.00 25.77
C LEU B 153 -3.58 -24.57 27.20
N ILE B 154 -4.15 -25.49 28.00
CA ILE B 154 -4.57 -25.12 29.37
C ILE B 154 -3.40 -24.62 30.24
N GLN B 155 -2.29 -25.35 30.20
CA GLN B 155 -1.04 -24.92 30.86
C GLN B 155 -0.60 -23.50 30.45
N SER B 156 -0.66 -23.19 29.14
CA SER B 156 -0.34 -21.84 28.65
C SER B 156 -1.31 -20.79 29.22
N VAL B 157 -2.58 -21.12 29.37
CA VAL B 157 -3.50 -20.18 29.96
C VAL B 157 -3.15 -20.01 31.44
N ASP B 158 -2.91 -21.15 32.12
CA ASP B 158 -2.54 -21.14 33.54
C ASP B 158 -1.35 -20.21 33.80
N ALA B 159 -0.30 -20.33 32.97
CA ALA B 159 0.91 -19.59 33.10
C ALA B 159 0.61 -18.08 32.89
N ALA B 160 -0.33 -17.79 31.98
CA ALA B 160 -0.61 -16.37 31.68
C ALA B 160 -1.32 -15.78 32.85
N VAL B 161 -2.30 -16.51 33.36
CA VAL B 161 -3.11 -15.98 34.42
C VAL B 161 -2.18 -15.78 35.63
N GLU B 162 -1.26 -16.73 35.81
N GLU B 162 -1.31 -16.76 35.85
CA GLU B 162 -0.33 -16.69 36.94
CA GLU B 162 -0.36 -16.65 36.95
C GLU B 162 0.75 -15.58 36.81
C GLU B 162 0.43 -15.34 36.83
N GLN B 163 0.87 -15.01 35.61
CA GLN B 163 1.75 -13.84 35.41
C GLN B 163 1.00 -12.53 35.50
N GLY B 164 -0.29 -12.59 35.84
CA GLY B 164 -1.14 -11.39 36.07
C GLY B 164 -2.17 -10.99 34.99
N PHE B 165 -1.99 -11.53 33.78
CA PHE B 165 -2.76 -11.03 32.65
C PHE B 165 -4.27 -11.03 32.85
N ARG B 166 -4.89 -9.97 32.32
CA ARG B 166 -6.31 -9.61 32.55
C ARG B 166 -7.21 -10.09 31.41
N ARG B 167 -6.60 -10.36 30.28
CA ARG B 167 -7.29 -10.91 29.14
C ARG B 167 -6.37 -11.95 28.58
N VAL B 168 -6.96 -12.97 27.98
CA VAL B 168 -6.18 -13.85 27.11
C VAL B 168 -6.80 -13.82 25.73
N LYS B 169 -5.99 -13.99 24.71
CA LYS B 169 -6.53 -13.99 23.35
C LYS B 169 -6.07 -15.34 22.77
N LEU B 170 -7.02 -16.21 22.49
CA LEU B 170 -6.69 -17.55 21.97
C LEU B 170 -6.76 -17.59 20.44
N LYS B 171 -5.73 -18.10 19.79
CA LYS B 171 -5.78 -18.34 18.32
C LYS B 171 -6.70 -19.55 18.09
N ILE B 172 -7.60 -19.39 17.12
CA ILE B 172 -8.53 -20.45 16.77
C ILE B 172 -8.62 -20.61 15.26
N ALA B 173 -9.16 -21.77 14.85
CA ALA B 173 -9.29 -22.11 13.47
C ALA B 173 -10.26 -23.27 13.31
N PRO B 174 -10.68 -23.55 12.06
CA PRO B 174 -11.62 -24.64 11.87
C PRO B 174 -11.10 -25.92 12.51
N GLY B 175 -11.97 -26.56 13.27
CA GLY B 175 -11.63 -27.82 13.97
C GLY B 175 -10.85 -27.64 15.24
N ARG B 176 -10.59 -26.38 15.63
CA ARG B 176 -9.65 -26.08 16.73
C ARG B 176 -10.19 -24.77 17.34
N ASP B 177 -11.42 -24.82 17.80
CA ASP B 177 -12.08 -23.63 18.30
C ASP B 177 -12.96 -23.93 19.52
N ARG B 178 -14.13 -24.51 19.31
CA ARG B 178 -15.06 -24.76 20.41
C ARG B 178 -14.47 -25.57 21.60
N ALA B 179 -13.81 -26.70 21.31
CA ALA B 179 -13.17 -27.53 22.36
C ALA B 179 -12.25 -26.71 23.26
N ALA B 180 -11.36 -25.93 22.63
CA ALA B 180 -10.43 -25.06 23.36
C ALA B 180 -11.16 -24.00 24.19
N ILE B 181 -12.08 -23.24 23.57
CA ILE B 181 -12.72 -22.14 24.25
C ILE B 181 -13.57 -22.66 25.42
N LYS B 182 -14.31 -23.76 25.17
CA LYS B 182 -15.12 -24.44 26.21
C LYS B 182 -14.26 -24.81 27.44
N ALA B 183 -13.08 -25.38 27.19
CA ALA B 183 -12.19 -25.90 28.22
C ALA B 183 -11.58 -24.78 28.99
N VAL B 184 -11.22 -23.69 28.29
CA VAL B 184 -10.73 -22.48 28.96
C VAL B 184 -11.84 -21.83 29.84
N ARG B 185 -13.05 -21.63 29.28
CA ARG B 185 -14.18 -20.99 29.99
C ARG B 185 -14.61 -21.90 31.13
N LEU B 186 -14.51 -23.22 30.96
CA LEU B 186 -14.83 -24.17 32.06
C LEU B 186 -13.94 -23.90 33.29
N ARG B 187 -12.64 -23.85 33.03
CA ARG B 187 -11.59 -23.57 34.01
C ARG B 187 -11.59 -22.14 34.60
N TYR B 188 -11.82 -21.12 33.76
CA TYR B 188 -11.88 -19.74 34.18
C TYR B 188 -13.20 -19.07 33.77
N PRO B 189 -14.28 -19.31 34.55
CA PRO B 189 -15.58 -18.72 34.29
C PRO B 189 -15.61 -17.20 34.21
N ASP B 190 -14.69 -16.54 34.90
CA ASP B 190 -14.65 -15.09 35.03
C ASP B 190 -13.56 -14.36 34.20
N LEU B 191 -12.66 -15.12 33.52
CA LEU B 191 -11.60 -14.48 32.74
C LEU B 191 -12.11 -13.83 31.44
N ALA B 192 -11.61 -12.64 31.12
CA ALA B 192 -11.85 -12.09 29.80
C ALA B 192 -11.08 -12.88 28.70
N ILE B 193 -11.81 -13.39 27.71
CA ILE B 193 -11.20 -14.19 26.66
C ILE B 193 -11.61 -13.60 25.34
N ALA B 194 -10.64 -13.44 24.45
CA ALA B 194 -10.98 -13.02 23.09
C ALA B 194 -10.43 -14.10 22.19
N ALA B 195 -10.79 -14.07 20.91
CA ALA B 195 -10.25 -15.10 20.00
C ALA B 195 -9.75 -14.44 18.75
N ASP B 196 -8.72 -15.04 18.12
CA ASP B 196 -8.14 -14.49 16.90
C ASP B 196 -8.06 -15.65 15.88
N ALA B 197 -8.71 -15.45 14.75
CA ALA B 197 -8.97 -16.49 13.75
C ALA B 197 -8.04 -16.38 12.57
N ASN B 198 -7.36 -15.25 12.47
CA ASN B 198 -6.37 -15.06 11.39
C ASN B 198 -6.96 -15.40 9.96
N GLY B 199 -8.19 -14.98 9.71
CA GLY B 199 -8.90 -15.23 8.46
C GLY B 199 -9.19 -16.67 8.02
N SER B 200 -9.29 -17.59 8.96
CA SER B 200 -9.36 -19.04 8.68
C SER B 200 -10.77 -19.57 8.47
N TYR B 201 -11.80 -18.72 8.70
CA TYR B 201 -13.20 -19.13 8.52
C TYR B 201 -13.75 -18.63 7.21
N ARG B 202 -14.86 -19.26 6.80
CA ARG B 202 -15.61 -18.93 5.56
C ARG B 202 -17.07 -18.67 5.90
N PRO B 203 -17.84 -18.06 5.02
CA PRO B 203 -19.24 -17.70 5.38
C PRO B 203 -20.12 -18.91 5.88
N GLU B 204 -19.90 -20.08 5.29
CA GLU B 204 -20.50 -21.37 5.78
C GLU B 204 -20.28 -21.66 7.26
N ASP B 205 -19.28 -21.03 7.87
CA ASP B 205 -18.91 -21.34 9.23
C ASP B 205 -19.71 -20.46 10.21
N ALA B 206 -20.61 -19.62 9.70
CA ALA B 206 -21.52 -18.88 10.56
C ALA B 206 -22.08 -19.67 11.76
N PRO B 207 -22.67 -20.87 11.55
CA PRO B 207 -23.19 -21.61 12.70
C PRO B 207 -22.13 -22.00 13.77
N VAL B 208 -20.90 -22.32 13.33
CA VAL B 208 -19.80 -22.68 14.27
C VAL B 208 -19.43 -21.42 15.13
N LEU B 209 -19.26 -20.31 14.45
CA LEU B 209 -18.95 -19.07 15.17
C LEU B 209 -20.09 -18.66 16.11
N ARG B 210 -21.31 -18.85 15.66
CA ARG B 210 -22.48 -18.52 16.48
C ARG B 210 -22.51 -19.36 17.77
N GLN B 211 -22.12 -20.63 17.63
N GLN B 211 -22.16 -20.63 17.71
CA GLN B 211 -21.95 -21.60 18.73
CA GLN B 211 -22.17 -21.37 18.94
C GLN B 211 -21.04 -21.02 19.87
C GLN B 211 -21.23 -20.71 19.96
N LEU B 212 -20.11 -20.12 19.48
CA LEU B 212 -19.16 -19.52 20.40
C LEU B 212 -19.75 -18.37 21.20
N ASP B 213 -20.90 -17.83 20.74
CA ASP B 213 -21.73 -16.84 21.53
C ASP B 213 -21.90 -17.33 22.99
N ALA B 214 -21.85 -18.63 23.23
CA ALA B 214 -22.14 -19.16 24.59
C ALA B 214 -21.07 -18.87 25.57
N TYR B 215 -19.90 -18.48 25.05
CA TYR B 215 -18.72 -18.37 25.91
C TYR B 215 -18.40 -16.93 26.29
N ASP B 216 -19.20 -16.00 25.80
CA ASP B 216 -19.05 -14.59 26.14
C ASP B 216 -17.63 -14.09 25.82
N LEU B 217 -17.13 -14.44 24.65
CA LEU B 217 -15.90 -13.81 24.13
C LEU B 217 -16.00 -12.30 23.94
N GLN B 218 -14.92 -11.62 24.29
CA GLN B 218 -14.84 -10.19 24.03
C GLN B 218 -14.99 -9.81 22.58
N PHE B 219 -14.34 -10.56 21.70
CA PHE B 219 -14.51 -10.43 20.28
C PHE B 219 -13.90 -11.63 19.55
N ILE B 220 -14.26 -11.75 18.28
CA ILE B 220 -13.57 -12.66 17.39
C ILE B 220 -12.88 -11.84 16.36
N GLU B 221 -11.53 -11.86 16.36
CA GLU B 221 -10.72 -11.05 15.42
C GLU B 221 -10.44 -11.72 14.02
N GLN B 222 -10.72 -10.97 12.94
CA GLN B 222 -10.53 -11.44 11.57
C GLN B 222 -11.06 -12.87 11.28
N PRO B 223 -12.38 -13.12 11.45
CA PRO B 223 -12.95 -14.43 11.14
C PRO B 223 -12.78 -14.88 9.66
N LEU B 224 -12.96 -13.96 8.74
CA LEU B 224 -13.01 -14.23 7.29
C LEU B 224 -11.78 -13.66 6.61
N PRO B 225 -11.54 -14.07 5.34
CA PRO B 225 -10.48 -13.46 4.55
C PRO B 225 -10.66 -11.96 4.50
N GLU B 226 -9.55 -11.28 4.45
CA GLU B 226 -9.48 -9.84 4.27
C GLU B 226 -10.33 -9.38 3.07
N ASP B 227 -11.12 -8.33 3.25
CA ASP B 227 -11.93 -7.81 2.11
C ASP B 227 -13.13 -8.67 1.68
N ASP B 228 -13.47 -9.74 2.39
CA ASP B 228 -14.76 -10.37 2.19
C ASP B 228 -15.80 -9.42 2.85
N TRP B 229 -15.89 -8.16 2.44
CA TRP B 229 -16.71 -7.15 3.18
C TRP B 229 -18.21 -7.48 3.31
N PHE B 230 -18.85 -7.84 2.20
CA PHE B 230 -20.26 -8.21 2.25
C PHE B 230 -20.51 -9.46 3.04
N ASP B 231 -19.69 -10.50 2.83
CA ASP B 231 -19.78 -11.70 3.70
C ASP B 231 -19.59 -11.40 5.22
N LEU B 232 -18.69 -10.48 5.52
CA LEU B 232 -18.45 -10.09 6.90
C LEU B 232 -19.64 -9.40 7.51
N ALA B 233 -20.28 -8.51 6.73
CA ALA B 233 -21.41 -7.77 7.26
C ALA B 233 -22.54 -8.80 7.54
N LYS B 234 -22.71 -9.76 6.65
CA LYS B 234 -23.74 -10.78 6.89
C LYS B 234 -23.42 -11.64 8.09
N LEU B 235 -22.14 -12.01 8.23
CA LEU B 235 -21.75 -12.80 9.39
C LEU B 235 -21.94 -12.07 10.69
N GLN B 236 -21.55 -10.79 10.74
CA GLN B 236 -21.70 -10.07 12.02
C GLN B 236 -23.15 -9.89 12.41
N ALA B 237 -24.01 -9.72 11.40
CA ALA B 237 -25.45 -9.57 11.62
C ALA B 237 -26.08 -10.77 12.34
N SER B 238 -25.50 -11.95 12.11
CA SER B 238 -25.92 -13.21 12.68
C SER B 238 -25.18 -13.62 13.97
N LEU B 239 -24.20 -12.85 14.44
CA LEU B 239 -23.47 -13.11 15.69
C LEU B 239 -23.75 -12.05 16.76
N ARG B 240 -23.96 -12.47 18.00
CA ARG B 240 -23.96 -11.54 19.15
C ARG B 240 -22.54 -11.10 19.57
N THR B 241 -21.57 -11.97 19.35
CA THR B 241 -20.16 -11.62 19.67
C THR B 241 -19.68 -10.59 18.67
N PRO B 242 -19.02 -9.50 19.11
CA PRO B 242 -18.44 -8.53 18.23
C PRO B 242 -17.35 -9.15 17.35
N VAL B 243 -17.38 -8.89 16.05
CA VAL B 243 -16.21 -9.10 15.18
C VAL B 243 -15.20 -7.95 15.37
N CYS B 244 -13.94 -8.30 15.44
CA CYS B 244 -12.90 -7.30 15.51
C CYS B 244 -12.05 -7.37 14.24
N LEU B 245 -11.72 -6.20 13.69
CA LEU B 245 -10.86 -6.16 12.54
C LEU B 245 -9.50 -5.59 12.86
N ASP B 246 -8.50 -6.12 12.17
CA ASP B 246 -7.14 -5.65 12.38
C ASP B 246 -6.64 -5.22 11.03
N GLU B 247 -6.06 -6.15 10.28
CA GLU B 247 -5.40 -5.71 9.06
C GLU B 247 -6.45 -5.30 7.99
N SER B 248 -7.72 -5.74 8.16
CA SER B 248 -8.76 -5.37 7.18
C SER B 248 -9.01 -3.87 7.16
N VAL B 249 -8.64 -3.15 8.22
CA VAL B 249 -8.86 -1.70 8.31
C VAL B 249 -7.52 -0.96 8.38
N ARG B 250 -7.08 -0.50 7.22
CA ARG B 250 -5.75 0.11 6.97
C ARG B 250 -5.81 1.60 7.23
N SER B 251 -7.00 2.18 7.07
CA SER B 251 -7.15 3.60 6.98
C SER B 251 -8.52 4.01 7.51
N VAL B 252 -8.73 5.30 7.80
CA VAL B 252 -10.04 5.80 8.20
C VAL B 252 -11.14 5.44 7.16
N ARG B 253 -10.81 5.39 5.87
CA ARG B 253 -11.74 4.93 4.80
C ARG B 253 -12.33 3.53 4.97
N GLU B 254 -11.47 2.53 5.21
CA GLU B 254 -11.95 1.18 5.31
C GLU B 254 -12.78 1.14 6.58
N LEU B 255 -12.51 2.04 7.50
CA LEU B 255 -13.29 2.14 8.72
C LEU B 255 -14.72 2.63 8.37
N LYS B 256 -14.82 3.58 7.44
CA LYS B 256 -16.15 4.10 7.10
C LYS B 256 -16.96 3.04 6.36
N LEU B 257 -16.28 2.25 5.53
CA LEU B 257 -16.84 1.09 4.89
C LEU B 257 -17.34 0.09 5.90
N THR B 258 -16.50 -0.25 6.89
CA THR B 258 -16.92 -1.11 7.97
C THR B 258 -18.20 -0.55 8.63
N ALA B 259 -18.17 0.73 9.02
CA ALA B 259 -19.33 1.36 9.72
C ALA B 259 -20.63 1.29 8.90
N ARG B 260 -20.53 1.60 7.61
N ARG B 260 -20.57 1.62 7.61
CA ARG B 260 -21.74 1.64 6.73
CA ARG B 260 -21.78 1.63 6.75
C ARG B 260 -22.39 0.27 6.48
C ARG B 260 -22.41 0.26 6.55
N LEU B 261 -21.56 -0.77 6.44
CA LEU B 261 -22.04 -2.13 6.30
C LEU B 261 -22.34 -2.84 7.64
N GLY B 262 -21.97 -2.25 8.76
CA GLY B 262 -22.08 -2.95 10.06
C GLY B 262 -21.24 -4.22 10.10
N ALA B 263 -20.06 -4.18 9.48
CA ALA B 263 -19.25 -5.40 9.28
C ALA B 263 -18.45 -5.80 10.52
N ALA B 264 -18.29 -4.88 11.48
CA ALA B 264 -17.55 -5.25 12.71
C ALA B 264 -17.85 -4.21 13.83
N ARG B 265 -17.51 -4.51 15.06
CA ARG B 265 -17.95 -3.65 16.16
C ARG B 265 -16.74 -3.28 16.98
N VAL B 266 -15.59 -3.93 16.72
CA VAL B 266 -14.39 -3.67 17.50
C VAL B 266 -13.17 -3.49 16.57
N LEU B 267 -12.29 -2.53 16.88
CA LEU B 267 -11.09 -2.34 16.11
C LEU B 267 -9.78 -2.51 16.86
N ASN B 268 -8.85 -3.21 16.22
CA ASN B 268 -7.46 -3.35 16.70
C ASN B 268 -6.76 -2.16 16.03
N VAL B 269 -6.49 -1.14 16.84
CA VAL B 269 -5.86 0.10 16.38
C VAL B 269 -4.31 0.07 16.58
N LYS B 270 -3.59 0.34 15.49
CA LYS B 270 -2.15 0.60 15.54
C LYS B 270 -1.94 1.99 14.99
N PRO B 271 -1.62 2.93 15.87
CA PRO B 271 -1.58 4.36 15.48
C PRO B 271 -0.60 4.56 14.33
N GLY B 272 0.49 3.81 14.32
CA GLY B 272 1.47 3.96 13.21
C GLY B 272 0.91 3.51 11.90
N ARG B 273 0.13 2.41 11.93
CA ARG B 273 -0.51 2.00 10.70
C ARG B 273 -1.57 2.96 10.19
N LEU B 274 -2.26 3.64 11.08
CA LEU B 274 -3.26 4.65 10.70
C LEU B 274 -2.69 5.96 10.21
N GLY B 275 -1.42 6.23 10.51
CA GLY B 275 -0.78 7.44 10.04
C GLY B 275 -0.56 8.45 11.17
N GLY B 276 -0.65 8.01 12.42
CA GLY B 276 -0.20 8.89 13.56
C GLY B 276 -1.29 9.22 14.56
N PHE B 277 -0.99 10.12 15.48
CA PHE B 277 -1.98 10.43 16.51
C PHE B 277 -3.29 11.09 16.03
N GLY B 278 -3.14 12.06 15.12
CA GLY B 278 -4.32 12.78 14.53
C GLY B 278 -5.25 11.82 13.80
N ALA B 279 -4.63 10.93 13.06
CA ALA B 279 -5.39 9.86 12.36
C ALA B 279 -6.10 8.87 13.31
N THR B 280 -5.42 8.50 14.40
CA THR B 280 -6.02 7.69 15.44
C THR B 280 -7.22 8.43 16.03
N LEU B 281 -7.04 9.70 16.35
CA LEU B 281 -8.20 10.47 16.92
C LEU B 281 -9.36 10.52 15.95
N ARG B 282 -9.07 10.73 14.68
CA ARG B 282 -10.14 10.73 13.66
C ARG B 282 -10.82 9.36 13.58
N ALA B 283 -10.05 8.28 13.61
CA ALA B 283 -10.63 6.94 13.56
C ALA B 283 -11.50 6.70 14.75
N LEU B 284 -11.10 7.15 15.93
CA LEU B 284 -11.92 6.91 17.09
C LEU B 284 -13.20 7.72 17.01
N ASP B 285 -13.12 8.90 16.39
CA ASP B 285 -14.40 9.65 16.12
C ASP B 285 -15.37 8.90 15.24
N VAL B 286 -14.93 8.36 14.12
CA VAL B 286 -15.78 7.59 13.25
C VAL B 286 -16.36 6.38 14.02
N ALA B 287 -15.47 5.69 14.75
CA ALA B 287 -15.82 4.46 15.45
C ALA B 287 -16.87 4.75 16.51
N GLY B 288 -16.66 5.82 17.27
CA GLY B 288 -17.58 6.22 18.34
C GLY B 288 -18.95 6.60 17.80
N GLU B 289 -18.98 7.24 16.64
CA GLU B 289 -20.26 7.60 16.04
C GLU B 289 -21.06 6.37 15.54
N ALA B 290 -20.33 5.31 15.19
CA ALA B 290 -20.87 4.05 14.71
C ALA B 290 -21.17 3.13 15.86
N GLY B 291 -20.83 3.53 17.08
CA GLY B 291 -21.06 2.66 18.26
C GLY B 291 -20.09 1.49 18.36
N MSE B 292 -18.92 1.67 17.72
CA MSE B 292 -17.83 0.70 17.85
C MSE B 292 -16.92 0.99 19.02
O MSE B 292 -17.06 2.08 19.67
CB MSE B 292 -17.02 0.70 16.56
CG MSE B 292 -17.89 0.49 15.37
SE MSE B 292 -16.95 0.51 13.70
CE MSE B 292 -15.78 -1.02 14.13
N ALA B 293 -16.07 0.02 19.39
CA ALA B 293 -15.05 0.34 20.40
C ALA B 293 -13.70 -0.24 19.88
N ALA B 294 -12.63 -0.09 20.67
CA ALA B 294 -11.31 -0.34 20.11
C ALA B 294 -10.32 -0.77 21.18
N TRP B 295 -9.13 -1.18 20.76
CA TRP B 295 -7.99 -1.43 21.68
C TRP B 295 -6.69 -1.25 20.85
N VAL B 296 -5.59 -1.02 21.55
CA VAL B 296 -4.30 -0.85 20.86
C VAL B 296 -3.55 -2.17 20.72
N GLY B 297 -3.25 -2.52 19.46
CA GLY B 297 -2.38 -3.68 19.21
C GLY B 297 -0.92 -3.32 19.11
N GLY B 298 -0.07 -4.35 19.01
CA GLY B 298 1.38 -4.08 19.06
C GLY B 298 2.14 -4.52 17.83
N MSE B 299 3.36 -4.04 17.71
CA MSE B 299 4.23 -4.36 16.60
C MSE B 299 5.62 -4.58 17.17
O MSE B 299 6.59 -4.09 16.58
CB MSE B 299 4.40 -3.13 15.67
CG MSE B 299 3.13 -2.53 15.09
SE MSE B 299 2.58 -3.72 13.68
CE MSE B 299 3.93 -3.42 12.24
N TYR B 300 5.70 -5.31 18.27
N TYR B 300 5.76 -5.23 18.32
CA TYR B 300 6.94 -5.50 19.01
CA TYR B 300 7.10 -5.50 18.86
C TYR B 300 7.86 -4.23 18.98
C TYR B 300 7.93 -4.20 19.00
N GLU B 301 7.27 -3.10 19.40
CA GLU B 301 7.95 -1.80 19.41
C GLU B 301 9.11 -1.72 20.37
N THR B 302 10.10 -0.91 20.04
CA THR B 302 11.08 -0.48 21.14
C THR B 302 10.32 0.40 22.11
N GLY B 303 10.97 0.79 23.19
CA GLY B 303 10.26 1.54 24.24
C GLY B 303 9.68 2.85 23.77
N VAL B 304 10.31 3.52 22.77
CA VAL B 304 9.73 4.80 22.26
C VAL B 304 8.34 4.53 21.70
N GLY B 305 8.25 3.62 20.74
CA GLY B 305 6.93 3.31 20.22
C GLY B 305 5.96 2.72 21.24
N ARG B 306 6.52 1.95 22.20
CA ARG B 306 5.70 1.37 23.31
C ARG B 306 5.08 2.48 24.15
N VAL B 307 5.88 3.48 24.49
CA VAL B 307 5.33 4.63 25.20
C VAL B 307 4.19 5.27 24.43
N HIS B 308 4.40 5.51 23.11
CA HIS B 308 3.35 6.23 22.38
C HIS B 308 2.11 5.33 22.24
N GLY B 309 2.33 4.01 22.07
CA GLY B 309 1.17 3.13 21.96
C GLY B 309 0.36 3.13 23.28
N LEU B 310 1.06 3.11 24.40
CA LEU B 310 0.36 3.12 25.70
C LEU B 310 -0.41 4.40 25.94
N ILE B 311 0.12 5.52 25.46
CA ILE B 311 -0.60 6.76 25.49
C ILE B 311 -1.84 6.71 24.64
N ALA B 312 -1.72 6.13 23.46
CA ALA B 312 -2.96 5.98 22.65
C ALA B 312 -3.97 5.07 23.35
N ALA B 313 -3.48 4.12 24.11
CA ALA B 313 -4.39 3.19 24.77
C ALA B 313 -5.21 3.86 25.88
N ALA B 314 -4.75 5.01 26.29
CA ALA B 314 -5.51 5.88 27.29
C ALA B 314 -6.75 6.63 26.74
N LEU B 315 -6.95 6.63 25.41
CA LEU B 315 -7.97 7.41 24.75
C LEU B 315 -9.34 6.78 25.11
N PRO B 316 -10.40 7.60 25.21
CA PRO B 316 -11.65 7.08 25.84
C PRO B 316 -12.20 5.79 25.21
N LEU B 317 -12.23 5.72 23.89
CA LEU B 317 -12.86 4.59 23.23
C LEU B 317 -12.03 3.28 23.31
N MSE B 318 -10.82 3.39 23.90
CA MSE B 318 -9.94 2.22 23.99
C MSE B 318 -10.36 1.35 25.16
O MSE B 318 -9.62 1.17 26.11
CB MSE B 318 -8.42 2.60 24.05
CG MSE B 318 -7.88 3.40 22.94
SE MSE B 318 -7.93 2.47 21.23
CE MSE B 318 -6.81 3.76 20.26
N ARG B 319 -11.56 0.78 25.07
CA ARG B 319 -12.17 0.10 26.18
C ARG B 319 -11.65 -1.33 26.46
N TYR B 320 -11.02 -2.00 25.49
CA TYR B 320 -10.51 -3.37 25.73
C TYR B 320 -9.01 -3.34 25.99
N ALA B 321 -8.53 -4.41 26.62
CA ALA B 321 -7.12 -4.58 26.95
C ALA B 321 -6.22 -4.36 25.71
N THR B 322 -5.07 -3.75 25.95
CA THR B 322 -3.98 -3.57 24.90
C THR B 322 -3.11 -4.85 24.80
N ASP B 323 -2.55 -5.12 23.61
CA ASP B 323 -1.54 -6.20 23.49
C ASP B 323 -0.11 -5.73 23.91
N LEU B 324 0.07 -4.42 24.14
CA LEU B 324 1.41 -3.82 24.54
C LEU B 324 1.79 -4.27 25.94
N GLY B 325 2.72 -5.23 26.04
CA GLY B 325 3.21 -5.67 27.37
C GLY B 325 4.44 -4.90 27.84
N PRO B 326 4.99 -5.32 28.96
CA PRO B 326 6.24 -4.73 29.48
C PRO B 326 7.41 -4.98 28.57
N SER B 327 8.39 -4.10 28.64
CA SER B 327 9.61 -4.23 27.79
C SER B 327 10.26 -5.55 27.88
N ASP B 328 10.34 -6.11 29.10
CA ASP B 328 11.00 -7.41 29.33
C ASP B 328 10.36 -8.64 28.73
N ARG B 329 9.17 -8.49 28.15
CA ARG B 329 8.61 -9.56 27.34
C ARG B 329 9.17 -9.56 25.89
N TYR B 330 9.94 -8.52 25.54
CA TYR B 330 10.39 -8.37 24.17
C TYR B 330 11.93 -8.33 24.05
N PHE B 331 12.55 -7.58 24.94
CA PHE B 331 13.97 -7.21 24.88
C PHE B 331 14.65 -7.38 26.25
N GLU B 332 15.84 -7.95 26.23
CA GLU B 332 16.71 -7.92 27.43
C GLU B 332 17.15 -6.51 27.73
N GLN B 333 17.38 -5.75 26.66
CA GLN B 333 17.84 -4.40 26.85
C GLN B 333 17.07 -3.51 25.83
N ASP B 334 16.39 -2.50 26.32
CA ASP B 334 15.56 -1.59 25.47
C ASP B 334 16.21 -0.18 25.45
N VAL B 335 15.53 0.76 24.80
CA VAL B 335 16.08 2.08 24.59
C VAL B 335 15.66 3.15 25.62
N LEU B 336 15.00 2.76 26.71
CA LEU B 336 14.55 3.68 27.80
C LEU B 336 15.41 3.49 29.04
N LYS B 337 15.61 4.59 29.76
CA LYS B 337 16.43 4.58 30.98
C LYS B 337 15.84 3.56 31.98
N GLU B 338 14.51 3.58 32.11
CA GLU B 338 13.74 2.60 32.92
C GLU B 338 12.75 1.84 31.99
N PRO B 339 12.80 0.49 31.95
CA PRO B 339 11.92 -0.28 31.10
C PRO B 339 10.47 -0.06 31.47
N ILE B 340 9.62 -0.19 30.49
CA ILE B 340 8.17 -0.18 30.77
C ILE B 340 7.87 -1.51 31.51
N ALA B 341 7.20 -1.40 32.65
CA ALA B 341 6.91 -2.60 33.50
C ALA B 341 5.47 -2.58 34.01
N PHE B 342 4.94 -3.70 34.53
CA PHE B 342 3.64 -3.66 35.16
C PHE B 342 3.70 -2.76 36.41
N VAL B 343 2.62 -1.98 36.65
CA VAL B 343 2.44 -1.22 37.89
C VAL B 343 1.56 -1.98 38.89
N GLU B 344 0.70 -2.85 38.35
CA GLU B 344 -0.10 -3.83 39.11
C GLU B 344 -0.07 -5.10 38.23
N PRO B 345 -0.40 -6.28 38.77
CA PRO B 345 -0.34 -7.51 37.91
C PRO B 345 -1.20 -7.29 36.63
N GLY B 346 -0.63 -7.39 35.44
CA GLY B 346 -1.41 -7.29 34.21
C GLY B 346 -1.86 -5.86 33.86
N VAL B 347 -1.25 -4.86 34.48
CA VAL B 347 -1.71 -3.50 34.29
C VAL B 347 -0.47 -2.61 34.17
N ILE B 348 -0.47 -1.66 33.23
CA ILE B 348 0.62 -0.71 33.01
C ILE B 348 0.10 0.68 33.19
N GLN B 349 0.94 1.51 33.81
CA GLN B 349 0.63 2.89 34.07
C GLN B 349 0.71 3.62 32.72
N VAL B 350 -0.29 4.44 32.38
CA VAL B 350 -0.19 5.26 31.19
C VAL B 350 0.95 6.29 31.36
N PRO B 351 1.94 6.31 30.45
CA PRO B 351 3.02 7.33 30.46
C PRO B 351 2.53 8.76 30.57
N GLN B 352 3.01 9.44 31.62
CA GLN B 352 2.62 10.83 31.86
C GLN B 352 3.73 11.81 31.42
N CYS B 353 4.71 11.31 30.69
CA CYS B 353 5.80 12.18 30.21
C CYS B 353 5.34 13.30 29.28
N ALA B 354 5.98 14.46 29.42
CA ALA B 354 5.76 15.57 28.51
C ALA B 354 6.69 15.34 27.31
N GLY B 355 6.36 14.32 26.47
CA GLY B 355 7.31 13.91 25.40
C GLY B 355 8.22 12.81 26.01
N VAL B 356 8.69 11.88 25.18
CA VAL B 356 9.50 10.75 25.66
C VAL B 356 11.02 11.09 25.79
N ALA B 357 11.45 12.23 25.27
CA ALA B 357 12.86 12.45 25.10
C ALA B 357 13.70 12.23 26.36
N ASP B 358 13.23 12.72 27.50
CA ASP B 358 13.98 12.59 28.74
C ASP B 358 14.04 11.17 29.25
N TRP B 359 13.23 10.28 28.70
CA TRP B 359 13.22 8.89 29.07
C TRP B 359 14.13 8.01 28.19
N VAL B 360 14.64 8.54 27.08
CA VAL B 360 15.48 7.75 26.17
C VAL B 360 16.88 7.56 26.78
N ASP B 361 17.34 6.30 26.78
CA ASP B 361 18.76 5.99 27.10
C ASP B 361 19.59 6.25 25.83
N ARG B 362 20.23 7.38 25.77
CA ARG B 362 20.97 7.71 24.56
C ARG B 362 22.20 6.83 24.30
N ASP B 363 22.82 6.32 25.35
CA ASP B 363 23.96 5.36 25.13
C ASP B 363 23.39 4.12 24.47
N ALA B 364 22.18 3.72 24.84
CA ALA B 364 21.62 2.46 24.29
C ALA B 364 21.23 2.67 22.80
N VAL B 365 20.67 3.84 22.48
CA VAL B 365 20.42 4.17 21.07
C VAL B 365 21.74 4.21 20.25
N ARG B 366 22.79 4.86 20.77
CA ARG B 366 24.13 4.81 20.10
C ARG B 366 24.61 3.39 19.84
N ARG B 367 24.61 2.56 20.89
CA ARG B 367 25.02 1.15 20.72
C ARG B 367 24.27 0.26 19.75
N PHE B 368 22.94 0.45 19.63
CA PHE B 368 22.10 -0.34 18.79
C PHE B 368 21.99 0.24 17.38
N SER B 369 22.51 1.45 17.15
CA SER B 369 22.39 2.07 15.85
C SER B 369 23.25 1.39 14.77
N THR B 370 22.66 1.14 13.61
CA THR B 370 23.45 0.71 12.47
C THR B 370 23.67 1.81 11.42
N ALA B 371 22.80 2.83 11.41
CA ALA B 371 22.95 3.95 10.49
C ALA B 371 22.30 5.16 11.10
N THR B 372 22.82 6.33 10.78
CA THR B 372 22.20 7.59 11.21
C THR B 372 22.24 8.55 10.05
N TRP B 373 21.21 9.39 9.91
CA TRP B 373 21.15 10.39 8.83
C TRP B 373 20.41 11.60 9.39
N SER B 374 20.84 12.81 9.06
CA SER B 374 20.18 13.99 9.58
C SER B 374 20.20 15.13 8.57
N VAL B 375 19.35 16.09 8.80
CA VAL B 375 19.31 17.21 7.88
C VAL B 375 18.86 18.42 8.64
N ASP B 376 19.35 19.61 8.23
CA ASP B 376 18.94 20.83 8.78
C ASP B 376 17.64 21.18 8.03
N LEU B 377 16.55 21.33 8.77
CA LEU B 377 15.22 21.52 8.19
C LEU B 377 15.08 22.92 7.55
N ARG B 378 15.98 23.83 7.87
CA ARG B 378 15.99 25.18 7.21
C ARG B 378 16.67 25.16 5.84
N THR B 379 17.54 24.19 5.62
CA THR B 379 18.22 23.99 4.33
C THR B 379 17.34 23.23 3.37
S SO4 C . -5.47 -10.20 -5.87
O1 SO4 C . -4.33 -10.27 -4.96
O2 SO4 C . -5.11 -9.41 -7.03
O3 SO4 C . -5.82 -11.53 -6.38
O4 SO4 C . -6.60 -9.65 -5.12
S SO4 D . -2.04 -7.34 -0.86
O1 SO4 D . -2.26 -6.14 -0.05
O2 SO4 D . -0.93 -8.14 -0.36
O3 SO4 D . -3.23 -8.20 -0.78
O4 SO4 D . -1.81 -6.98 -2.26
S SO4 E . 21.35 -0.28 -2.64
O1 SO4 E . 21.48 -0.62 -4.07
O2 SO4 E . 19.98 0.09 -2.28
O3 SO4 E . 21.73 -1.44 -1.82
O4 SO4 E . 22.24 0.87 -2.39
S SO4 F . -30.86 10.93 -19.24
O1 SO4 F . -29.40 11.17 -19.17
O2 SO4 F . -31.53 12.16 -19.69
O3 SO4 F . -31.09 9.80 -20.11
O4 SO4 F . -31.31 10.59 -17.90
S SO4 G . -7.81 8.81 5.83
O1 SO4 G . -6.82 9.23 4.84
O2 SO4 G . -8.65 7.75 5.26
O3 SO4 G . -7.05 8.29 6.96
O4 SO4 G . -8.67 9.91 6.29
#